data_3CNE
#
_entry.id   3CNE
#
_cell.length_a   73.607
_cell.length_b   68.021
_cell.length_c   75.389
_cell.angle_alpha   90.00
_cell.angle_beta   109.81
_cell.angle_gamma   90.00
#
_symmetry.space_group_name_H-M   'P 1 21 1'
#
loop_
_entity.id
_entity.type
_entity.pdbx_description
1 polymer 'Putative protease I'
2 non-polymer 'ZINC ION'
3 non-polymer 'CALCIUM ION'
4 non-polymer 'FLAVIN MONONUCLEOTIDE'
5 water water
#
_entity_poly.entity_id   1
_entity_poly.type   'polypeptide(L)'
_entity_poly.pdbx_seq_one_letter_code
;(MSE)AKKVAVLAVNPVNGCGLFQYLEAFFENGISYKVFAVSDTKEIKTNSG(MSE)VLIVDDVIANLKGHEDEFDALVF
SCGDAVPVFQQYANQPYNVDL(MSE)EVIKTFGEKGK(MSE)(MSE)IGHCAGA(MSE)(MSE)FDFTGITKGKKVAVHP
LAKPAIQNGIATDEKSEIDGNFFTAQDENTIWT(MSE)LPKVIEALK
;
_entity_poly.pdbx_strand_id   A,B,C,D
#
loop_
_chem_comp.id
_chem_comp.type
_chem_comp.name
_chem_comp.formula
CA non-polymer 'CALCIUM ION' 'Ca 2'
FMN non-polymer 'FLAVIN MONONUCLEOTIDE' 'C17 H21 N4 O9 P'
ZN non-polymer 'ZINC ION' 'Zn 2'
#
# COMPACT_ATOMS: atom_id res chain seq x y z
N ALA A 2 12.60 -16.92 -28.17
CA ALA A 2 14.09 -16.95 -28.00
C ALA A 2 14.41 -16.65 -26.54
N LYS A 3 14.76 -15.39 -26.26
CA LYS A 3 15.18 -14.96 -24.93
C LYS A 3 14.00 -14.85 -23.98
N LYS A 4 14.23 -15.14 -22.70
CA LYS A 4 13.17 -15.06 -21.71
C LYS A 4 13.61 -14.16 -20.54
N VAL A 5 12.71 -13.29 -20.08
CA VAL A 5 13.01 -12.31 -19.03
C VAL A 5 12.22 -12.66 -17.79
N ALA A 6 12.89 -12.75 -16.65
CA ALA A 6 12.17 -12.80 -15.39
C ALA A 6 12.07 -11.38 -14.87
N VAL A 7 10.84 -10.92 -14.73
CA VAL A 7 10.56 -9.61 -14.17
C VAL A 7 10.19 -9.73 -12.69
N LEU A 8 10.89 -8.98 -11.83
CA LEU A 8 10.60 -8.98 -10.41
C LEU A 8 9.87 -7.71 -10.03
N ALA A 9 8.66 -7.87 -9.51
CA ALA A 9 7.82 -6.76 -9.08
C ALA A 9 7.72 -6.74 -7.55
N VAL A 10 8.21 -5.68 -6.92
CA VAL A 10 8.15 -5.61 -5.47
C VAL A 10 6.73 -5.14 -5.08
N ASN A 11 6.45 -5.06 -3.79
CA ASN A 11 5.10 -4.72 -3.36
C ASN A 11 5.14 -3.69 -2.25
N PRO A 12 4.81 -2.42 -2.55
CA PRO A 12 4.29 -1.86 -3.81
C PRO A 12 5.38 -1.62 -4.86
N VAL A 13 5.01 -1.75 -6.13
CA VAL A 13 5.92 -1.52 -7.26
C VAL A 13 5.54 -0.19 -7.86
N ASN A 14 6.52 0.49 -8.42
CA ASN A 14 6.21 1.66 -9.24
C ASN A 14 5.71 1.15 -10.59
N GLY A 15 4.44 1.42 -10.86
CA GLY A 15 3.75 0.90 -12.03
C GLY A 15 4.20 1.58 -13.30
N CYS A 16 4.63 2.84 -13.21
CA CYS A 16 5.13 3.54 -14.34
C CYS A 16 6.40 2.81 -14.83
N GLY A 17 7.31 2.48 -13.92
CA GLY A 17 8.54 1.71 -14.31
C GLY A 17 8.18 0.33 -14.88
N LEU A 18 7.34 -0.41 -14.15
CA LEU A 18 6.99 -1.77 -14.53
C LEU A 18 6.49 -1.83 -15.98
N PHE A 19 5.45 -1.05 -16.28
CA PHE A 19 4.81 -1.11 -17.56
C PHE A 19 5.61 -0.56 -18.74
N GLN A 20 6.52 0.37 -18.48
CA GLN A 20 7.52 0.73 -19.50
C GLN A 20 8.28 -0.51 -19.97
N TYR A 21 8.72 -1.36 -19.06
CA TYR A 21 9.32 -2.63 -19.44
C TYR A 21 8.31 -3.53 -20.17
N LEU A 22 7.12 -3.72 -19.58
CA LEU A 22 6.23 -4.75 -20.08
C LEU A 22 5.67 -4.39 -21.43
N GLU A 23 5.34 -3.11 -21.63
CA GLU A 23 4.88 -2.67 -22.93
C GLU A 23 5.96 -2.88 -23.98
N ALA A 24 7.17 -2.45 -23.66
CA ALA A 24 8.29 -2.63 -24.61
C ALA A 24 8.50 -4.12 -24.99
N PHE A 25 8.51 -5.01 -23.99
CA PHE A 25 8.69 -6.44 -24.27
C PHE A 25 7.57 -6.96 -25.12
N PHE A 26 6.32 -6.63 -24.75
CA PHE A 26 5.13 -7.14 -25.42
C PHE A 26 5.09 -6.68 -26.87
N GLU A 27 5.37 -5.40 -27.10
CA GLU A 27 5.34 -4.84 -28.44
C GLU A 27 6.51 -5.30 -29.29
N ASN A 28 7.58 -5.79 -28.65
CA ASN A 28 8.68 -6.37 -29.43
C ASN A 28 8.75 -7.90 -29.44
N GLY A 29 7.70 -8.53 -28.91
CA GLY A 29 7.60 -9.99 -28.87
C GLY A 29 8.63 -10.70 -28.01
N ILE A 30 9.12 -10.05 -26.96
CA ILE A 30 10.11 -10.65 -26.07
C ILE A 30 9.34 -11.34 -24.96
N SER A 31 9.70 -12.59 -24.68
CA SER A 31 9.00 -13.38 -23.69
C SER A 31 9.39 -12.97 -22.26
N TYR A 32 8.40 -12.88 -21.37
CA TYR A 32 8.66 -12.54 -19.99
C TYR A 32 7.64 -13.16 -19.05
N LYS A 33 8.00 -13.28 -17.78
CA LYS A 33 7.11 -13.77 -16.73
C LYS A 33 7.36 -12.88 -15.53
N VAL A 34 6.28 -12.45 -14.87
CA VAL A 34 6.36 -11.46 -13.81
C VAL A 34 6.16 -12.16 -12.45
N PHE A 35 7.14 -11.97 -11.57
CA PHE A 35 7.19 -12.60 -10.24
C PHE A 35 7.04 -11.57 -9.17
N ALA A 36 6.07 -11.77 -8.29
CA ALA A 36 5.91 -10.91 -7.13
C ALA A 36 6.98 -11.15 -6.10
N VAL A 37 7.65 -10.09 -5.64
CA VAL A 37 8.51 -10.19 -4.49
C VAL A 37 7.60 -10.01 -3.27
N SER A 38 6.86 -11.07 -2.98
CA SER A 38 5.80 -11.01 -2.01
C SER A 38 5.40 -12.44 -1.67
N ASP A 39 4.46 -12.58 -0.75
CA ASP A 39 3.99 -13.91 -0.33
C ASP A 39 2.89 -14.46 -1.25
N THR A 40 2.26 -13.57 -2.03
CA THR A 40 1.26 -13.94 -3.03
C THR A 40 1.46 -13.15 -4.33
N LYS A 41 0.83 -13.63 -5.40
CA LYS A 41 0.89 -13.00 -6.73
C LYS A 41 0.26 -11.60 -6.78
N GLU A 42 -0.51 -11.27 -5.75
CA GLU A 42 -1.27 -10.02 -5.74
C GLU A 42 -0.44 -8.94 -5.06
N ILE A 43 -0.15 -7.86 -5.80
CA ILE A 43 0.72 -6.77 -5.28
C ILE A 43 0.03 -5.44 -5.49
N LYS A 44 0.55 -4.37 -4.90
CA LYS A 44 -0.01 -3.04 -5.14
C LYS A 44 0.98 -2.24 -5.92
N THR A 45 0.52 -1.16 -6.55
CA THR A 45 1.43 -0.20 -7.13
C THR A 45 1.59 0.89 -6.09
N ASN A 46 2.61 1.72 -6.22
CA ASN A 46 2.79 2.88 -5.33
C ASN A 46 1.50 3.70 -5.36
N SER A 47 0.90 3.77 -6.54
CA SER A 47 -0.33 4.58 -6.79
C SER A 47 -1.63 3.93 -6.28
N GLY A 48 -1.52 2.70 -5.79
CA GLY A 48 -2.59 2.03 -5.04
C GLY A 48 -3.47 1.13 -5.88
N MSE A 49 -3.05 0.84 -7.12
CA MSE A 49 -3.81 -0.13 -7.92
C MSE A 49 -3.39 -1.53 -7.46
O MSE A 49 -2.35 -1.68 -6.86
CB MSE A 49 -3.57 0.04 -9.44
CG MSE A 49 -3.94 1.40 -10.02
SE MSE A 49 -5.87 1.83 -9.71
CE MSE A 49 -5.51 3.16 -8.27
N VAL A 50 -4.16 -2.53 -7.80
CA VAL A 50 -3.81 -3.91 -7.54
C VAL A 50 -3.46 -4.60 -8.85
N LEU A 51 -2.29 -5.27 -8.86
CA LEU A 51 -1.89 -6.13 -9.95
C LEU A 51 -1.85 -7.58 -9.47
N ILE A 52 -2.33 -8.49 -10.31
CA ILE A 52 -2.11 -9.92 -10.08
C ILE A 52 -1.10 -10.36 -11.13
N VAL A 53 0.08 -10.72 -10.68
CA VAL A 53 1.18 -11.05 -11.60
C VAL A 53 1.19 -12.58 -11.82
N ASP A 54 2.25 -13.13 -12.43
CA ASP A 54 2.24 -14.51 -12.88
C ASP A 54 2.54 -15.51 -11.77
N ASP A 55 3.38 -15.12 -10.82
CA ASP A 55 3.89 -16.08 -9.83
C ASP A 55 4.56 -15.28 -8.71
N VAL A 56 5.03 -16.02 -7.71
CA VAL A 56 5.77 -15.43 -6.61
C VAL A 56 7.25 -15.79 -6.76
N ILE A 57 8.12 -14.98 -6.16
CA ILE A 57 9.56 -15.12 -6.32
C ILE A 57 10.11 -16.43 -5.75
N ALA A 58 9.42 -16.99 -4.75
CA ALA A 58 9.82 -18.30 -4.18
C ALA A 58 9.90 -19.37 -5.27
N ASN A 59 8.98 -19.30 -6.25
CA ASN A 59 8.94 -20.29 -7.33
C ASN A 59 9.94 -20.09 -8.46
N LEU A 60 10.70 -18.99 -8.37
CA LEU A 60 11.78 -18.70 -9.29
C LEU A 60 13.10 -19.33 -8.81
N LYS A 61 13.22 -19.55 -7.50
CA LYS A 61 14.39 -20.24 -6.94
C LYS A 61 14.60 -21.62 -7.58
N GLY A 62 15.80 -21.84 -8.08
CA GLY A 62 16.12 -23.12 -8.70
C GLY A 62 15.82 -23.12 -10.17
N HIS A 63 15.11 -22.09 -10.65
CA HIS A 63 14.78 -22.00 -12.08
C HIS A 63 15.43 -20.80 -12.79
N GLU A 64 16.45 -20.22 -12.18
CA GLU A 64 17.08 -19.02 -12.74
C GLU A 64 17.71 -19.27 -14.13
N ASP A 65 18.17 -20.50 -14.37
CA ASP A 65 18.84 -20.84 -15.62
C ASP A 65 17.81 -21.04 -16.75
N GLU A 66 16.54 -20.86 -16.42
CA GLU A 66 15.44 -20.95 -17.39
C GLU A 66 15.24 -19.59 -18.06
N PHE A 67 15.94 -18.58 -17.59
CA PHE A 67 15.75 -17.22 -18.07
C PHE A 67 17.08 -16.67 -18.57
N ASP A 68 17.01 -15.64 -19.41
CA ASP A 68 18.22 -15.02 -19.97
C ASP A 68 18.54 -13.68 -19.30
N ALA A 69 17.54 -13.13 -18.61
CA ALA A 69 17.57 -11.76 -18.13
C ALA A 69 16.71 -11.65 -16.90
N LEU A 70 17.11 -10.74 -16.01
CA LEU A 70 16.31 -10.34 -14.86
C LEU A 70 16.05 -8.85 -14.96
N VAL A 71 14.79 -8.45 -14.77
CA VAL A 71 14.44 -7.05 -14.56
C VAL A 71 14.05 -6.84 -13.09
N PHE A 72 14.67 -5.86 -12.44
CA PHE A 72 14.23 -5.49 -11.10
C PHE A 72 13.43 -4.21 -11.19
N SER A 73 12.14 -4.33 -10.95
CA SER A 73 11.23 -3.20 -11.09
C SER A 73 10.93 -2.64 -9.70
N CYS A 74 11.48 -1.45 -9.45
CA CYS A 74 11.55 -0.90 -8.13
C CYS A 74 10.19 -0.29 -7.71
N GLY A 75 10.08 0.03 -6.44
CA GLY A 75 8.86 0.60 -5.87
C GLY A 75 9.11 1.02 -4.45
N ASP A 76 8.06 1.45 -3.75
CA ASP A 76 8.20 1.99 -2.44
C ASP A 76 8.46 0.91 -1.40
N ALA A 77 8.37 -0.35 -1.81
CA ALA A 77 8.87 -1.45 -0.98
C ALA A 77 10.36 -1.42 -0.75
N VAL A 78 11.12 -0.92 -1.71
CA VAL A 78 12.59 -1.07 -1.60
C VAL A 78 13.21 -0.29 -0.42
N PRO A 79 12.81 0.97 -0.21
CA PRO A 79 13.35 1.66 0.99
C PRO A 79 12.96 1.05 2.36
N VAL A 80 12.06 0.06 2.40
CA VAL A 80 11.84 -0.68 3.65
C VAL A 80 12.44 -2.08 3.63
N PHE A 81 13.05 -2.44 2.50
CA PHE A 81 13.64 -3.76 2.31
C PHE A 81 14.53 -4.15 3.51
N GLN A 82 15.34 -3.18 3.96
CA GLN A 82 16.35 -3.42 5.02
C GLN A 82 15.75 -3.73 6.37
N GLN A 83 14.64 -3.05 6.72
CA GLN A 83 13.87 -3.34 7.93
C GLN A 83 13.27 -4.73 7.98
N TYR A 84 13.04 -5.32 6.81
CA TYR A 84 12.20 -6.51 6.72
C TYR A 84 12.95 -7.79 6.41
N ALA A 85 13.86 -8.18 7.29
CA ALA A 85 14.73 -9.33 7.08
C ALA A 85 13.96 -10.64 7.29
N ASN A 86 12.83 -10.54 7.99
CA ASN A 86 12.05 -11.73 8.29
C ASN A 86 10.94 -12.02 7.29
N GLN A 87 10.94 -11.29 6.17
CA GLN A 87 10.08 -11.65 5.07
C GLN A 87 10.85 -12.57 4.15
N PRO A 88 10.41 -13.84 4.04
CA PRO A 88 11.19 -14.82 3.25
C PRO A 88 11.41 -14.40 1.81
N TYR A 89 10.49 -13.63 1.26
CA TYR A 89 10.65 -13.24 -0.14
C TYR A 89 11.76 -12.24 -0.36
N ASN A 90 12.14 -11.52 0.70
CA ASN A 90 13.27 -10.60 0.61
C ASN A 90 14.59 -11.35 0.67
N VAL A 91 14.60 -12.46 1.39
CA VAL A 91 15.76 -13.35 1.41
C VAL A 91 15.87 -14.04 0.05
N ASP A 92 14.74 -14.53 -0.45
CA ASP A 92 14.70 -15.08 -1.81
C ASP A 92 15.17 -14.09 -2.86
N LEU A 93 14.74 -12.83 -2.76
CA LEU A 93 15.23 -11.78 -3.68
C LEU A 93 16.76 -11.76 -3.84
N MSE A 94 17.46 -11.71 -2.71
CA MSE A 94 18.91 -11.69 -2.65
C MSE A 94 19.50 -12.93 -3.31
O MSE A 94 20.44 -12.83 -4.11
CB MSE A 94 19.41 -11.59 -1.22
CG MSE A 94 19.06 -10.27 -0.54
SE MSE A 94 20.04 -8.75 -1.29
CE MSE A 94 18.84 -8.19 -2.73
N GLU A 95 18.93 -14.08 -2.97
CA GLU A 95 19.34 -15.35 -3.53
C GLU A 95 19.20 -15.33 -5.07
N VAL A 96 18.03 -14.93 -5.53
CA VAL A 96 17.72 -14.94 -6.96
C VAL A 96 18.59 -13.96 -7.74
N ILE A 97 18.85 -12.80 -7.15
CA ILE A 97 19.67 -11.79 -7.85
C ILE A 97 21.13 -12.27 -7.94
N LYS A 98 21.61 -12.84 -6.83
CA LYS A 98 22.97 -13.40 -6.82
C LYS A 98 23.12 -14.48 -7.88
N THR A 99 22.18 -15.41 -7.93
CA THR A 99 22.24 -16.51 -8.86
C THR A 99 22.23 -16.05 -10.32
N PHE A 100 21.28 -15.18 -10.69
CA PHE A 100 21.27 -14.59 -12.02
C PHE A 100 22.62 -13.94 -12.40
N GLY A 101 23.18 -13.15 -11.48
CA GLY A 101 24.42 -12.42 -11.73
C GLY A 101 25.60 -13.36 -11.87
N GLU A 102 25.70 -14.31 -10.93
CA GLU A 102 26.68 -15.41 -10.99
C GLU A 102 26.62 -16.22 -12.30
N LYS A 103 25.41 -16.36 -12.85
CA LYS A 103 25.26 -17.15 -14.07
C LYS A 103 25.39 -16.31 -15.34
N GLY A 104 25.82 -15.05 -15.18
CA GLY A 104 26.11 -14.19 -16.32
C GLY A 104 24.89 -13.70 -17.09
N LYS A 105 23.73 -13.66 -16.42
CA LYS A 105 22.49 -13.20 -17.08
C LYS A 105 22.45 -11.70 -17.19
N MSE A 106 21.65 -11.20 -18.12
CA MSE A 106 21.49 -9.76 -18.27
C MSE A 106 20.68 -9.21 -17.08
O MSE A 106 19.60 -9.69 -16.78
CB MSE A 106 20.81 -9.50 -19.60
CG MSE A 106 20.51 -8.05 -19.88
SE MSE A 106 19.69 -7.93 -21.68
CE MSE A 106 19.33 -9.83 -22.01
N MSE A 107 21.25 -8.18 -16.41
CA MSE A 107 20.67 -7.60 -15.20
C MSE A 107 20.18 -6.19 -15.52
O MSE A 107 20.98 -5.32 -15.91
CB MSE A 107 21.68 -7.53 -14.05
CG MSE A 107 22.47 -8.78 -13.78
SE MSE A 107 21.35 -10.29 -13.42
CE MSE A 107 20.70 -9.82 -11.64
N ILE A 108 18.88 -5.99 -15.36
CA ILE A 108 18.19 -4.78 -15.79
C ILE A 108 17.41 -4.21 -14.59
N GLY A 109 17.53 -2.91 -14.36
CA GLY A 109 16.78 -2.31 -13.28
C GLY A 109 16.94 -0.81 -13.27
N HIS A 110 16.13 -0.17 -12.45
CA HIS A 110 16.11 1.27 -12.35
C HIS A 110 15.88 1.68 -10.89
N CYS A 111 16.02 2.98 -10.64
CA CYS A 111 15.81 3.59 -9.33
C CYS A 111 16.75 2.95 -8.29
N ALA A 112 16.25 2.20 -7.32
CA ALA A 112 17.17 1.53 -6.36
C ALA A 112 17.58 0.11 -6.77
N GLY A 113 17.21 -0.29 -8.01
CA GLY A 113 17.58 -1.59 -8.56
C GLY A 113 19.07 -1.88 -8.49
N ALA A 114 19.89 -0.90 -8.84
CA ALA A 114 21.36 -1.08 -8.81
C ALA A 114 21.84 -1.38 -7.38
N MSE A 115 21.12 -0.82 -6.40
CA MSE A 115 21.49 -1.06 -4.99
C MSE A 115 21.15 -2.48 -4.58
O MSE A 115 21.95 -3.15 -3.91
CB MSE A 115 20.79 -0.05 -4.09
CG MSE A 115 21.23 -0.13 -2.64
SE MSE A 115 20.04 0.91 -1.50
CE MSE A 115 18.34 -0.10 -1.60
N MSE A 116 19.99 -2.96 -5.01
CA MSE A 116 19.61 -4.35 -4.76
C MSE A 116 20.67 -5.30 -5.36
O MSE A 116 21.08 -6.28 -4.74
CB MSE A 116 18.21 -4.64 -5.33
CG MSE A 116 17.12 -3.80 -4.66
SE MSE A 116 16.91 -4.32 -2.76
CE MSE A 116 16.03 -5.99 -3.06
N PHE A 117 21.11 -4.98 -6.57
CA PHE A 117 22.19 -5.70 -7.23
C PHE A 117 23.48 -5.63 -6.39
N ASP A 118 23.85 -4.42 -5.97
CA ASP A 118 25.07 -4.19 -5.22
C ASP A 118 25.14 -5.03 -3.96
N PHE A 119 24.02 -5.12 -3.24
CA PHE A 119 23.93 -5.87 -1.98
C PHE A 119 24.43 -7.29 -2.15
N THR A 120 24.24 -7.86 -3.34
CA THR A 120 24.65 -9.23 -3.60
C THR A 120 26.12 -9.28 -4.05
N GLY A 121 26.74 -8.14 -4.28
CA GLY A 121 28.12 -8.09 -4.75
C GLY A 121 28.34 -8.26 -6.25
N ILE A 122 27.31 -8.68 -6.99
CA ILE A 122 27.50 -9.00 -8.41
C ILE A 122 27.96 -7.79 -9.23
N THR A 123 27.80 -6.61 -8.68
CA THR A 123 28.14 -5.39 -9.40
C THR A 123 29.62 -5.00 -9.33
N LYS A 124 30.47 -5.82 -8.70
CA LYS A 124 31.90 -5.50 -8.51
C LYS A 124 32.47 -4.83 -9.76
N GLY A 125 32.97 -3.60 -9.61
CA GLY A 125 33.67 -2.89 -10.68
C GLY A 125 32.87 -2.41 -11.88
N LYS A 126 31.54 -2.50 -11.82
CA LYS A 126 30.70 -2.08 -12.93
C LYS A 126 30.07 -0.75 -12.64
N LYS A 127 29.95 0.08 -13.68
CA LYS A 127 29.24 1.33 -13.58
C LYS A 127 27.74 1.08 -13.52
N VAL A 128 27.08 1.74 -12.60
CA VAL A 128 25.62 1.65 -12.47
C VAL A 128 25.02 3.02 -12.32
N ALA A 129 23.80 3.16 -12.84
CA ALA A 129 22.99 4.33 -12.58
C ALA A 129 21.99 3.93 -11.49
N VAL A 130 21.73 4.88 -10.61
CA VAL A 130 21.00 4.63 -9.38
C VAL A 130 20.34 5.94 -8.99
N HIS A 131 19.21 5.83 -8.28
CA HIS A 131 18.53 6.98 -7.75
C HIS A 131 19.49 7.74 -6.81
N PRO A 132 19.57 9.08 -6.92
CA PRO A 132 20.48 9.87 -6.07
C PRO A 132 20.46 9.49 -4.59
N LEU A 133 19.28 9.27 -4.03
CA LEU A 133 19.17 8.92 -2.61
C LEU A 133 19.74 7.54 -2.28
N ALA A 134 19.79 6.66 -3.28
CA ALA A 134 20.35 5.32 -3.07
C ALA A 134 21.85 5.28 -3.41
N LYS A 135 22.35 6.34 -4.07
CA LYS A 135 23.77 6.38 -4.51
C LYS A 135 24.81 6.06 -3.43
N PRO A 136 24.68 6.68 -2.23
CA PRO A 136 25.69 6.38 -1.20
C PRO A 136 25.74 4.91 -0.77
N ALA A 137 24.69 4.14 -1.07
CA ALA A 137 24.68 2.72 -0.73
C ALA A 137 25.43 1.83 -1.72
N ILE A 138 25.86 2.41 -2.84
CA ILE A 138 26.62 1.64 -3.83
C ILE A 138 28.09 1.57 -3.39
N GLN A 139 28.52 0.40 -2.97
CA GLN A 139 29.93 0.19 -2.61
C GLN A 139 30.73 -0.81 -3.46
N ASN A 140 30.05 -1.83 -4.00
CA ASN A 140 30.67 -2.81 -4.89
C ASN A 140 30.82 -2.32 -6.32
N GLY A 141 29.77 -1.69 -6.85
CA GLY A 141 29.81 -1.13 -8.19
C GLY A 141 30.33 0.28 -8.18
N ILE A 142 30.24 0.94 -9.33
CA ILE A 142 30.70 2.31 -9.49
C ILE A 142 29.52 3.21 -9.86
N ALA A 143 28.93 3.89 -8.88
CA ALA A 143 27.75 4.71 -9.17
C ALA A 143 28.11 5.98 -9.92
N THR A 144 27.34 6.26 -10.96
CA THR A 144 27.52 7.50 -11.71
C THR A 144 26.29 8.41 -11.52
N ASP A 145 26.40 9.63 -12.04
CA ASP A 145 25.28 10.58 -12.06
C ASP A 145 24.53 10.51 -13.39
N GLU A 146 24.91 9.56 -14.25
CA GLU A 146 24.27 9.41 -15.57
C GLU A 146 22.82 8.93 -15.46
N LYS A 147 22.07 9.20 -16.54
CA LYS A 147 20.64 8.88 -16.63
C LYS A 147 20.44 7.37 -16.71
N SER A 148 21.38 6.69 -17.38
CA SER A 148 21.46 5.24 -17.39
C SER A 148 22.90 4.84 -17.66
N GLU A 149 23.20 3.58 -17.36
CA GLU A 149 24.53 3.01 -17.55
C GLU A 149 24.36 1.60 -18.08
N ILE A 150 25.13 1.29 -19.11
CA ILE A 150 25.23 -0.06 -19.60
C ILE A 150 26.69 -0.45 -19.46
N ASP A 151 26.93 -1.44 -18.61
CA ASP A 151 28.28 -1.89 -18.33
C ASP A 151 28.24 -3.38 -18.12
N GLY A 152 28.78 -4.09 -19.10
CA GLY A 152 28.83 -5.54 -19.07
C GLY A 152 27.42 -6.05 -19.22
N ASN A 153 26.97 -6.85 -18.25
CA ASN A 153 25.61 -7.38 -18.28
C ASN A 153 24.58 -6.49 -17.59
N PHE A 154 25.02 -5.31 -17.13
CA PHE A 154 24.16 -4.42 -16.34
C PHE A 154 23.59 -3.27 -17.16
N PHE A 155 22.26 -3.16 -17.12
CA PHE A 155 21.52 -2.12 -17.82
C PHE A 155 20.69 -1.44 -16.74
N THR A 156 21.16 -0.30 -16.22
CA THR A 156 20.48 0.34 -15.11
C THR A 156 20.16 1.79 -15.45
N ALA A 157 19.01 2.23 -14.96
CA ALA A 157 18.57 3.61 -15.16
C ALA A 157 18.38 4.26 -13.79
N GLN A 158 18.67 5.55 -13.71
CA GLN A 158 18.56 6.32 -12.49
C GLN A 158 17.15 6.18 -11.87
N ASP A 159 16.11 6.30 -12.69
CA ASP A 159 14.74 6.06 -12.19
C ASP A 159 13.74 5.87 -13.33
N GLU A 160 12.44 5.88 -13.00
CA GLU A 160 11.40 5.57 -13.99
C GLU A 160 11.42 6.60 -15.11
N ASN A 161 11.81 7.83 -14.81
CA ASN A 161 11.82 8.82 -15.88
C ASN A 161 13.05 8.80 -16.78
N THR A 162 14.04 7.96 -16.47
CA THR A 162 15.18 7.82 -17.39
C THR A 162 15.27 6.44 -18.08
N ILE A 163 14.30 5.59 -17.80
CA ILE A 163 14.25 4.26 -18.43
C ILE A 163 14.33 4.37 -19.97
N TRP A 164 13.60 5.35 -20.51
CA TRP A 164 13.58 5.62 -21.95
C TRP A 164 14.99 5.74 -22.55
N THR A 165 15.96 6.23 -21.76
CA THR A 165 17.35 6.42 -22.26
C THR A 165 18.12 5.13 -22.54
N MSE A 166 17.69 4.02 -21.95
CA MSE A 166 18.39 2.76 -22.16
C MSE A 166 17.51 1.67 -22.75
O MSE A 166 17.99 0.63 -23.14
CB MSE A 166 18.98 2.26 -20.86
CG MSE A 166 17.94 2.01 -19.78
SE MSE A 166 18.50 0.77 -18.39
CE MSE A 166 17.11 -0.59 -18.69
N LEU A 167 16.20 1.90 -22.82
CA LEU A 167 15.25 0.86 -23.19
C LEU A 167 15.44 0.34 -24.63
N PRO A 168 15.74 1.24 -25.60
CA PRO A 168 16.02 0.71 -26.95
C PRO A 168 17.22 -0.25 -26.97
N LYS A 169 18.25 0.05 -26.19
CA LYS A 169 19.41 -0.85 -26.09
C LYS A 169 19.02 -2.17 -25.41
N VAL A 170 18.13 -2.11 -24.41
CA VAL A 170 17.68 -3.32 -23.72
C VAL A 170 16.92 -4.21 -24.68
N ILE A 171 16.00 -3.59 -25.43
CA ILE A 171 15.20 -4.30 -26.42
C ILE A 171 16.13 -4.96 -27.45
N GLU A 172 17.07 -4.19 -27.99
CA GLU A 172 18.02 -4.68 -29.00
C GLU A 172 18.79 -5.91 -28.48
N ALA A 173 19.22 -5.86 -27.22
CA ALA A 173 19.97 -6.98 -26.58
C ALA A 173 19.13 -8.24 -26.36
N LEU A 174 17.80 -8.07 -26.27
CA LEU A 174 16.91 -9.20 -25.97
C LEU A 174 16.28 -9.87 -27.20
N LYS A 175 16.54 -9.33 -28.39
CA LYS A 175 15.94 -9.82 -29.63
C LYS A 175 16.60 -11.11 -30.14
N LYS B 3 -7.81 18.25 27.67
CA LYS B 3 -6.63 17.88 26.81
C LYS B 3 -7.05 17.23 25.49
N LYS B 4 -6.43 17.67 24.40
CA LYS B 4 -6.83 17.19 23.08
C LYS B 4 -5.57 16.82 22.28
N VAL B 5 -5.55 15.62 21.73
CA VAL B 5 -4.40 15.19 20.94
C VAL B 5 -4.69 15.08 19.42
N ALA B 6 -3.79 15.64 18.63
CA ALA B 6 -3.86 15.45 17.18
C ALA B 6 -2.96 14.28 16.83
N VAL B 7 -3.54 13.20 16.30
CA VAL B 7 -2.77 12.02 15.90
C VAL B 7 -2.55 12.05 14.38
N LEU B 8 -1.29 11.95 13.96
CA LEU B 8 -0.97 11.95 12.53
C LEU B 8 -0.65 10.54 12.11
N ALA B 9 -1.42 10.05 11.14
CA ALA B 9 -1.23 8.68 10.62
C ALA B 9 -0.74 8.82 9.19
N VAL B 10 0.43 8.25 8.90
CA VAL B 10 0.97 8.33 7.55
C VAL B 10 0.32 7.23 6.68
N ASN B 11 0.64 7.20 5.39
CA ASN B 11 0.00 6.27 4.47
C ASN B 11 1.06 5.55 3.61
N PRO B 12 1.41 4.27 3.95
CA PRO B 12 0.78 3.43 4.97
C PRO B 12 1.32 3.65 6.39
N VAL B 13 0.45 3.42 7.38
CA VAL B 13 0.75 3.52 8.82
C VAL B 13 0.99 2.12 9.40
N ASN B 14 1.85 2.01 10.37
CA ASN B 14 1.90 0.79 11.12
C ASN B 14 0.69 0.79 12.07
N GLY B 15 -0.25 -0.10 11.83
CA GLY B 15 -1.51 -0.09 12.56
C GLY B 15 -1.31 -0.58 13.98
N CYS B 16 -0.25 -1.33 14.22
CA CYS B 16 -0.01 -1.84 15.55
C CYS B 16 0.45 -0.66 16.42
N GLY B 17 1.32 0.19 15.89
CA GLY B 17 1.66 1.46 16.55
C GLY B 17 0.44 2.34 16.80
N LEU B 18 -0.30 2.61 15.73
CA LEU B 18 -1.47 3.51 15.77
C LEU B 18 -2.46 3.13 16.88
N PHE B 19 -2.89 1.87 16.91
CA PHE B 19 -3.94 1.44 17.79
C PHE B 19 -3.49 1.25 19.24
N GLN B 20 -2.23 1.03 19.47
CA GLN B 20 -1.71 1.15 20.85
C GLN B 20 -2.00 2.53 21.45
N TYR B 21 -1.74 3.58 20.68
CA TYR B 21 -2.09 4.92 21.13
C TYR B 21 -3.62 5.06 21.25
N LEU B 22 -4.36 4.69 20.20
CA LEU B 22 -5.79 4.99 20.16
C LEU B 22 -6.54 4.19 21.21
N GLU B 23 -6.13 2.94 21.43
CA GLU B 23 -6.77 2.14 22.48
C GLU B 23 -6.55 2.77 23.85
N ALA B 24 -5.32 3.20 24.08
CA ALA B 24 -4.96 3.84 25.35
C ALA B 24 -5.74 5.12 25.58
N PHE B 25 -5.82 6.00 24.57
CA PHE B 25 -6.54 7.26 24.75
C PHE B 25 -8.01 6.97 25.01
N PHE B 26 -8.58 6.06 24.21
CA PHE B 26 -9.98 5.79 24.29
C PHE B 26 -10.39 5.22 25.63
N GLU B 27 -9.58 4.30 26.14
CA GLU B 27 -9.84 3.65 27.42
C GLU B 27 -9.62 4.59 28.59
N ASN B 28 -8.80 5.62 28.38
CA ASN B 28 -8.57 6.60 29.42
C ASN B 28 -9.39 7.86 29.29
N GLY B 29 -10.31 7.91 28.32
CA GLY B 29 -11.10 9.14 28.06
C GLY B 29 -10.34 10.34 27.53
N ILE B 30 -9.20 10.13 26.89
CA ILE B 30 -8.42 11.25 26.38
C ILE B 30 -8.93 11.57 24.97
N SER B 31 -9.28 12.83 24.67
CA SER B 31 -9.83 13.08 23.34
C SER B 31 -8.76 13.22 22.28
N TYR B 32 -9.06 12.69 21.10
CA TYR B 32 -8.12 12.76 20.00
C TYR B 32 -8.83 12.87 18.67
N LYS B 33 -8.08 13.30 17.65
CA LYS B 33 -8.60 13.38 16.31
C LYS B 33 -7.50 12.88 15.42
N VAL B 34 -7.82 11.98 14.46
CA VAL B 34 -6.81 11.36 13.62
C VAL B 34 -6.80 12.00 12.23
N PHE B 35 -5.62 12.50 11.86
CA PHE B 35 -5.38 13.21 10.61
C PHE B 35 -4.52 12.35 9.72
N ALA B 36 -4.96 12.16 8.48
CA ALA B 36 -4.16 11.44 7.51
C ALA B 36 -3.09 12.35 6.97
N VAL B 37 -1.84 11.90 6.97
CA VAL B 37 -0.80 12.59 6.23
C VAL B 37 -0.90 12.04 4.79
N SER B 38 -1.90 12.54 4.09
CA SER B 38 -2.27 12.02 2.77
C SER B 38 -3.22 13.04 2.13
N ASP B 39 -3.67 12.75 0.91
CA ASP B 39 -4.56 13.67 0.19
C ASP B 39 -6.03 13.42 0.54
N THR B 40 -6.33 12.25 1.09
CA THR B 40 -7.70 11.93 1.50
C THR B 40 -7.64 11.25 2.88
N LYS B 41 -8.80 11.11 3.53
CA LYS B 41 -8.88 10.47 4.85
C LYS B 41 -8.68 8.95 4.81
N GLU B 42 -8.74 8.37 3.62
CA GLU B 42 -8.54 6.95 3.45
C GLU B 42 -7.05 6.60 3.34
N ILE B 43 -6.57 5.74 4.24
CA ILE B 43 -5.16 5.36 4.25
C ILE B 43 -5.04 3.85 4.37
N LYS B 44 -3.84 3.31 4.16
CA LYS B 44 -3.62 1.89 4.33
C LYS B 44 -2.75 1.68 5.53
N THR B 45 -2.78 0.47 6.08
CA THR B 45 -1.81 0.05 7.07
C THR B 45 -0.68 -0.65 6.29
N ASN B 46 0.49 -0.79 6.94
CA ASN B 46 1.61 -1.60 6.40
C ASN B 46 1.06 -2.98 6.03
N SER B 47 0.19 -3.52 6.88
CA SER B 47 -0.37 -4.86 6.69
C SER B 47 -1.46 -4.95 5.62
N GLY B 48 -1.86 -3.82 5.04
CA GLY B 48 -2.68 -3.83 3.84
C GLY B 48 -4.16 -3.64 4.11
N MSE B 49 -4.52 -3.29 5.35
CA MSE B 49 -5.93 -2.92 5.64
C MSE B 49 -6.23 -1.46 5.29
O MSE B 49 -5.32 -0.67 5.13
CB MSE B 49 -6.26 -3.19 7.10
CG MSE B 49 -7.53 -3.95 7.19
SE MSE B 49 -7.15 -5.85 6.90
CE MSE B 49 -8.11 -6.44 5.46
N VAL B 50 -7.51 -1.10 5.19
CA VAL B 50 -7.88 0.29 4.89
C VAL B 50 -8.52 0.89 6.12
N LEU B 51 -8.02 2.05 6.55
CA LEU B 51 -8.58 2.84 7.62
C LEU B 51 -9.11 4.12 7.00
N ILE B 52 -10.28 4.56 7.45
CA ILE B 52 -10.79 5.89 7.14
C ILE B 52 -10.70 6.68 8.44
N VAL B 53 -9.80 7.63 8.45
CA VAL B 53 -9.57 8.43 9.65
C VAL B 53 -10.49 9.66 9.64
N ASP B 54 -10.23 10.61 10.54
CA ASP B 54 -11.14 11.73 10.81
C ASP B 54 -11.02 12.87 9.82
N ASP B 55 -9.83 13.09 9.30
CA ASP B 55 -9.57 14.30 8.54
C ASP B 55 -8.19 14.15 7.89
N VAL B 56 -7.80 15.15 7.11
CA VAL B 56 -6.51 15.17 6.45
C VAL B 56 -5.67 16.27 7.07
N ILE B 57 -4.34 16.12 7.00
CA ILE B 57 -3.42 17.03 7.67
C ILE B 57 -3.54 18.48 7.15
N ALA B 58 -3.92 18.65 5.89
CA ALA B 58 -4.12 20.02 5.38
C ALA B 58 -5.07 20.80 6.28
N ASN B 59 -6.09 20.13 6.83
CA ASN B 59 -7.06 20.82 7.67
C ASN B 59 -6.60 21.10 9.12
N LEU B 60 -5.44 20.54 9.49
CA LEU B 60 -4.83 20.78 10.80
C LEU B 60 -4.02 22.07 10.80
N LYS B 61 -3.51 22.46 9.63
CA LYS B 61 -2.79 23.75 9.49
C LYS B 61 -3.65 24.91 9.94
N GLY B 62 -3.06 25.79 10.77
CA GLY B 62 -3.77 26.94 11.32
C GLY B 62 -4.61 26.59 12.53
N HIS B 63 -4.70 25.30 12.85
CA HIS B 63 -5.50 24.84 13.99
C HIS B 63 -4.65 24.14 15.07
N GLU B 64 -3.34 24.30 14.99
CA GLU B 64 -2.42 23.62 15.90
C GLU B 64 -2.68 24.02 17.36
N ASP B 65 -3.27 25.20 17.52
CA ASP B 65 -3.66 25.78 18.82
C ASP B 65 -4.82 25.08 19.51
N GLU B 66 -5.53 24.24 18.77
CA GLU B 66 -6.73 23.60 19.31
C GLU B 66 -6.39 22.28 19.98
N PHE B 67 -5.11 21.92 19.97
CA PHE B 67 -4.65 20.67 20.54
C PHE B 67 -3.58 20.92 21.59
N ASP B 68 -3.36 19.94 22.47
CA ASP B 68 -2.36 20.04 23.50
C ASP B 68 -1.16 19.16 23.18
N ALA B 69 -1.36 18.22 22.27
CA ALA B 69 -0.40 17.15 22.04
C ALA B 69 -0.50 16.69 20.58
N LEU B 70 0.64 16.25 20.04
CA LEU B 70 0.74 15.67 18.71
C LEU B 70 1.40 14.30 18.82
N VAL B 71 0.78 13.32 18.15
CA VAL B 71 1.30 11.96 18.06
C VAL B 71 1.66 11.69 16.60
N PHE B 72 2.90 11.27 16.36
CA PHE B 72 3.28 10.93 15.00
C PHE B 72 3.31 9.41 14.97
N SER B 73 2.38 8.84 14.22
CA SER B 73 2.26 7.40 14.14
C SER B 73 2.95 6.92 12.87
N CYS B 74 4.11 6.32 13.05
CA CYS B 74 4.99 5.96 11.97
C CYS B 74 4.42 4.80 11.10
N GLY B 75 5.05 4.57 9.95
CA GLY B 75 4.73 3.45 9.09
C GLY B 75 5.68 3.47 7.89
N ASP B 76 5.42 2.60 6.92
CA ASP B 76 6.32 2.41 5.76
C ASP B 76 6.31 3.59 4.75
N ALA B 77 5.38 4.52 4.92
CA ALA B 77 5.46 5.82 4.26
C ALA B 77 6.71 6.64 4.59
N VAL B 78 7.24 6.47 5.80
CA VAL B 78 8.31 7.37 6.28
C VAL B 78 9.67 7.25 5.51
N PRO B 79 10.14 6.02 5.27
CA PRO B 79 11.37 5.83 4.47
C PRO B 79 11.29 6.34 3.03
N VAL B 80 10.09 6.69 2.56
CA VAL B 80 9.92 7.34 1.25
C VAL B 80 9.58 8.83 1.35
N PHE B 81 9.43 9.35 2.57
CA PHE B 81 9.17 10.79 2.79
C PHE B 81 10.15 11.66 2.01
N GLN B 82 11.45 11.35 2.09
CA GLN B 82 12.49 12.17 1.46
C GLN B 82 12.34 12.24 -0.06
N GLN B 83 11.86 11.15 -0.67
CA GLN B 83 11.66 11.05 -2.10
C GLN B 83 10.54 11.95 -2.55
N TYR B 84 9.53 12.11 -1.70
CA TYR B 84 8.27 12.72 -2.13
C TYR B 84 8.09 14.16 -1.72
N ALA B 85 8.97 15.01 -2.24
CA ALA B 85 8.99 16.43 -1.90
C ALA B 85 7.76 17.15 -2.46
N ASN B 86 7.19 16.60 -3.53
CA ASN B 86 6.06 17.24 -4.19
C ASN B 86 4.68 16.78 -3.73
N GLN B 87 4.61 16.01 -2.64
CA GLN B 87 3.33 15.66 -2.02
C GLN B 87 3.05 16.74 -0.97
N PRO B 88 2.05 17.61 -1.21
CA PRO B 88 1.88 18.73 -0.28
C PRO B 88 1.65 18.29 1.17
N TYR B 89 1.09 17.11 1.39
CA TYR B 89 0.90 16.67 2.78
C TYR B 89 2.21 16.43 3.51
N ASN B 90 3.30 16.21 2.76
CA ASN B 90 4.60 16.04 3.38
C ASN B 90 5.21 17.37 3.83
N VAL B 91 5.01 18.37 2.99
CA VAL B 91 5.29 19.77 3.35
C VAL B 91 4.41 20.21 4.53
N ASP B 92 3.09 19.98 4.46
CA ASP B 92 2.24 20.26 5.63
C ASP B 92 2.73 19.52 6.88
N LEU B 93 3.17 18.27 6.71
CA LEU B 93 3.70 17.52 7.84
C LEU B 93 4.82 18.29 8.61
N MSE B 94 5.82 18.78 7.88
CA MSE B 94 6.93 19.56 8.46
C MSE B 94 6.43 20.82 9.15
O MSE B 94 6.85 21.15 10.27
CB MSE B 94 7.93 19.97 7.36
CG MSE B 94 8.72 18.83 6.75
SE MSE B 94 9.87 17.85 8.00
CE MSE B 94 8.62 16.56 8.78
N GLU B 95 5.54 21.52 8.47
CA GLU B 95 4.93 22.74 8.97
C GLU B 95 4.20 22.52 10.30
N VAL B 96 3.37 21.48 10.33
CA VAL B 96 2.56 21.17 11.51
C VAL B 96 3.41 20.77 12.71
N ILE B 97 4.42 19.92 12.46
CA ILE B 97 5.32 19.44 13.51
C ILE B 97 6.12 20.62 14.10
N LYS B 98 6.59 21.50 13.22
CA LYS B 98 7.33 22.68 13.68
C LYS B 98 6.44 23.57 14.53
N THR B 99 5.23 23.84 14.05
CA THR B 99 4.29 24.67 14.77
C THR B 99 3.90 24.12 16.15
N PHE B 100 3.51 22.85 16.22
CA PHE B 100 3.28 22.20 17.50
C PHE B 100 4.48 22.37 18.44
N GLY B 101 5.68 22.09 17.94
CA GLY B 101 6.91 22.13 18.72
C GLY B 101 7.22 23.50 19.29
N GLU B 102 7.26 24.50 18.41
CA GLU B 102 7.43 25.91 18.77
C GLU B 102 6.44 26.39 19.84
N LYS B 103 5.20 25.86 19.80
CA LYS B 103 4.17 26.30 20.72
C LYS B 103 4.18 25.53 22.03
N GLY B 104 5.21 24.72 22.25
CA GLY B 104 5.36 24.02 23.50
C GLY B 104 4.42 22.84 23.72
N LYS B 105 3.86 22.28 22.64
CA LYS B 105 2.93 21.14 22.79
C LYS B 105 3.68 19.83 23.06
N MSE B 106 2.97 18.87 23.65
CA MSE B 106 3.52 17.54 23.90
C MSE B 106 3.73 16.76 22.59
O MSE B 106 2.80 16.59 21.81
CB MSE B 106 2.55 16.78 24.79
CG MSE B 106 3.17 15.68 25.57
SE MSE B 106 1.79 14.74 26.58
CE MSE B 106 0.94 16.27 27.44
N MSE B 107 4.96 16.28 22.36
CA MSE B 107 5.33 15.59 21.14
C MSE B 107 5.62 14.12 21.38
O MSE B 107 6.55 13.77 22.09
CB MSE B 107 6.52 16.29 20.50
CG MSE B 107 6.42 17.78 20.59
SE MSE B 107 5.15 18.52 19.31
CE MSE B 107 3.41 18.46 20.12
N ILE B 108 4.81 13.27 20.75
CA ILE B 108 4.79 11.83 21.00
C ILE B 108 5.02 11.09 19.67
N GLY B 109 5.90 10.10 19.67
CA GLY B 109 6.21 9.39 18.44
C GLY B 109 7.01 8.15 18.71
N HIS B 110 7.04 7.27 17.73
CA HIS B 110 7.86 6.08 17.81
C HIS B 110 8.45 5.79 16.43
N CYS B 111 9.36 4.83 16.40
CA CYS B 111 10.02 4.43 15.18
C CYS B 111 10.79 5.60 14.59
N ALA B 112 10.36 6.13 13.44
CA ALA B 112 11.10 7.24 12.81
C ALA B 112 10.49 8.57 13.18
N GLY B 113 9.56 8.57 14.13
CA GLY B 113 8.92 9.78 14.60
C GLY B 113 9.92 10.83 15.08
N ALA B 114 10.91 10.40 15.85
CA ALA B 114 11.92 11.31 16.38
C ALA B 114 12.75 11.95 15.25
N MSE B 115 12.91 11.24 14.14
CA MSE B 115 13.55 11.76 12.93
C MSE B 115 12.69 12.82 12.24
O MSE B 115 13.23 13.82 11.75
CB MSE B 115 13.87 10.62 11.97
CG MSE B 115 14.63 11.05 10.70
SE MSE B 115 14.87 9.62 9.40
CE MSE B 115 13.02 9.25 8.94
N MSE B 116 11.38 12.60 12.20
CA MSE B 116 10.49 13.59 11.60
C MSE B 116 10.56 14.88 12.41
O MSE B 116 10.65 15.96 11.84
CB MSE B 116 9.06 13.08 11.53
CG MSE B 116 8.83 11.98 10.53
SE MSE B 116 9.07 12.54 8.65
CE MSE B 116 10.73 11.62 8.34
N PHE B 117 10.53 14.73 13.73
CA PHE B 117 10.65 15.84 14.65
C PHE B 117 11.99 16.56 14.43
N ASP B 118 13.07 15.78 14.37
CA ASP B 118 14.43 16.32 14.21
C ASP B 118 14.64 17.12 12.93
N PHE B 119 13.96 16.70 11.86
CA PHE B 119 13.99 17.40 10.57
C PHE B 119 13.57 18.87 10.69
N THR B 120 12.76 19.16 11.69
CA THR B 120 12.26 20.51 11.90
C THR B 120 13.11 21.25 12.93
N GLY B 121 14.06 20.54 13.55
CA GLY B 121 14.94 21.12 14.55
C GLY B 121 14.35 21.41 15.91
N ILE B 122 13.10 21.00 16.16
CA ILE B 122 12.44 21.26 17.45
C ILE B 122 13.06 20.45 18.61
N THR B 123 13.86 19.45 18.26
CA THR B 123 14.43 18.51 19.21
C THR B 123 15.87 18.84 19.58
N LYS B 124 16.26 20.10 19.46
CA LYS B 124 17.65 20.50 19.72
C LYS B 124 18.02 20.22 21.18
N GLY B 125 19.10 19.48 21.38
CA GLY B 125 19.57 19.09 22.71
C GLY B 125 18.57 18.23 23.49
N LYS B 126 17.71 17.54 22.75
CA LYS B 126 16.70 16.69 23.34
C LYS B 126 17.11 15.23 23.19
N LYS B 127 16.98 14.47 24.28
CA LYS B 127 17.15 13.03 24.23
C LYS B 127 15.94 12.42 23.52
N VAL B 128 16.22 11.62 22.49
CA VAL B 128 15.16 10.89 21.78
C VAL B 128 15.48 9.42 21.59
N ALA B 129 14.42 8.62 21.54
CA ALA B 129 14.51 7.22 21.18
C ALA B 129 14.03 7.09 19.74
N VAL B 130 14.75 6.32 18.96
CA VAL B 130 14.46 6.21 17.53
C VAL B 130 14.80 4.79 17.08
N HIS B 131 14.18 4.34 15.98
CA HIS B 131 14.52 3.05 15.38
C HIS B 131 15.99 3.08 14.93
N PRO B 132 16.75 2.01 15.25
CA PRO B 132 18.19 1.97 14.93
C PRO B 132 18.54 2.42 13.51
N LEU B 133 17.72 2.05 12.52
CA LEU B 133 18.03 2.39 11.13
C LEU B 133 17.84 3.87 10.84
N ALA B 134 17.00 4.53 11.63
CA ALA B 134 16.78 5.96 11.49
C ALA B 134 17.72 6.76 12.40
N LYS B 135 18.43 6.07 13.29
CA LYS B 135 19.32 6.73 14.27
C LYS B 135 20.39 7.65 13.67
N PRO B 136 21.09 7.21 12.59
CA PRO B 136 22.11 8.08 12.00
C PRO B 136 21.54 9.43 11.56
N ALA B 137 20.24 9.48 11.29
CA ALA B 137 19.62 10.66 10.73
C ALA B 137 19.32 11.75 11.76
N ILE B 138 19.45 11.43 13.04
CA ILE B 138 19.22 12.40 14.11
C ILE B 138 20.44 13.30 14.21
N GLN B 139 20.23 14.60 14.01
CA GLN B 139 21.31 15.60 14.00
C GLN B 139 21.10 16.78 14.96
N ASN B 140 19.85 17.15 15.23
CA ASN B 140 19.56 18.19 16.20
C ASN B 140 19.47 17.69 17.64
N GLY B 141 18.85 16.53 17.81
CA GLY B 141 18.70 15.94 19.13
C GLY B 141 19.79 14.95 19.45
N ILE B 142 19.64 14.30 20.60
CA ILE B 142 20.60 13.33 21.09
C ILE B 142 19.94 11.96 21.02
N ALA B 143 20.36 11.17 20.05
CA ALA B 143 19.75 9.86 19.85
C ALA B 143 20.35 8.83 20.80
N THR B 144 19.49 8.18 21.58
CA THR B 144 19.97 7.13 22.47
C THR B 144 19.59 5.74 21.95
N ASP B 145 19.97 4.72 22.70
CA ASP B 145 19.63 3.35 22.34
C ASP B 145 18.58 2.81 23.29
N GLU B 146 17.92 3.70 24.04
CA GLU B 146 16.88 3.30 25.01
C GLU B 146 15.54 3.04 24.32
N LYS B 147 14.72 2.21 24.97
CA LYS B 147 13.44 1.77 24.45
C LYS B 147 12.48 2.94 24.25
N SER B 148 12.49 3.88 25.21
CA SER B 148 11.79 5.15 25.08
C SER B 148 12.59 6.25 25.77
N GLU B 149 12.35 7.49 25.39
CA GLU B 149 12.90 8.65 26.08
C GLU B 149 11.78 9.66 26.31
N ILE B 150 11.69 10.15 27.54
CA ILE B 150 10.83 11.26 27.89
C ILE B 150 11.75 12.39 28.29
N ASP B 151 11.83 13.43 27.45
CA ASP B 151 12.66 14.60 27.70
C ASP B 151 11.82 15.86 27.50
N GLY B 152 11.33 16.41 28.61
CA GLY B 152 10.48 17.61 28.57
C GLY B 152 9.16 17.37 27.84
N ASN B 153 9.03 17.94 26.65
CA ASN B 153 7.81 17.75 25.87
C ASN B 153 7.83 16.50 24.97
N PHE B 154 9.01 15.87 24.85
CA PHE B 154 9.23 14.78 23.92
C PHE B 154 9.11 13.39 24.53
N PHE B 155 8.14 12.65 24.03
CA PHE B 155 7.89 11.28 24.43
C PHE B 155 8.10 10.42 23.18
N THR B 156 9.26 9.79 23.09
CA THR B 156 9.56 8.99 21.92
C THR B 156 9.91 7.57 22.31
N ALA B 157 9.48 6.63 21.47
CA ALA B 157 9.80 5.22 21.63
C ALA B 157 10.57 4.73 20.41
N GLN B 158 11.44 3.75 20.60
CA GLN B 158 12.28 3.20 19.53
C GLN B 158 11.45 2.63 18.36
N ASP B 159 10.42 1.86 18.68
CA ASP B 159 9.40 1.50 17.70
C ASP B 159 8.14 0.91 18.37
N GLU B 160 7.30 0.28 17.54
CA GLU B 160 5.99 -0.20 17.98
C GLU B 160 6.10 -1.16 19.16
N ASN B 161 7.17 -1.94 19.22
CA ASN B 161 7.31 -2.93 20.28
C ASN B 161 7.80 -2.36 21.61
N THR B 162 8.18 -1.08 21.62
CA THR B 162 8.59 -0.43 22.90
C THR B 162 7.66 0.71 23.32
N ILE B 163 6.61 0.95 22.54
CA ILE B 163 5.62 1.94 22.93
C ILE B 163 5.17 1.71 24.39
N TRP B 164 4.88 0.46 24.74
CA TRP B 164 4.44 0.12 26.10
C TRP B 164 5.33 0.71 27.22
N THR B 165 6.61 0.90 26.96
CA THR B 165 7.56 1.37 27.97
C THR B 165 7.32 2.80 28.37
N MSE B 166 6.66 3.57 27.50
CA MSE B 166 6.40 5.00 27.73
C MSE B 166 4.92 5.38 27.87
O MSE B 166 4.58 6.47 28.30
CB MSE B 166 7.00 5.80 26.61
CG MSE B 166 6.22 5.70 25.28
SE MSE B 166 6.76 7.23 24.20
CE MSE B 166 7.66 8.18 25.69
N LEU B 167 4.04 4.46 27.48
CA LEU B 167 2.63 4.76 27.31
C LEU B 167 1.91 5.08 28.61
N PRO B 168 2.18 4.35 29.72
CA PRO B 168 1.57 4.82 30.99
C PRO B 168 1.95 6.27 31.33
N LYS B 169 3.18 6.67 31.03
CA LYS B 169 3.65 8.03 31.33
C LYS B 169 2.97 9.03 30.40
N VAL B 170 2.72 8.62 29.16
CA VAL B 170 2.11 9.50 28.18
C VAL B 170 0.69 9.74 28.64
N ILE B 171 0.01 8.66 29.02
CA ILE B 171 -1.36 8.72 29.49
C ILE B 171 -1.48 9.53 30.76
N GLU B 172 -0.58 9.30 31.71
CA GLU B 172 -0.56 10.11 32.94
C GLU B 172 -0.46 11.61 32.62
N ALA B 173 0.42 11.96 31.67
CA ALA B 173 0.67 13.35 31.27
C ALA B 173 -0.52 14.01 30.59
N LEU B 174 -1.35 13.20 29.92
CA LEU B 174 -2.51 13.70 29.19
C LEU B 174 -3.71 13.66 30.10
N LYS B 175 -3.49 13.01 31.25
CA LYS B 175 -4.35 12.97 32.45
C LYS B 175 -5.63 12.15 32.28
N ALA C 2 4.02 -19.67 1.81
CA ALA C 2 3.79 -19.22 3.21
C ALA C 2 2.53 -19.90 3.73
N LYS C 3 2.50 -20.22 5.03
CA LYS C 3 1.27 -20.70 5.66
C LYS C 3 0.22 -19.59 5.68
N LYS C 4 -1.05 -19.95 5.81
CA LYS C 4 -2.14 -19.02 5.59
C LYS C 4 -3.07 -18.98 6.79
N VAL C 5 -3.37 -17.76 7.23
CA VAL C 5 -4.18 -17.55 8.41
C VAL C 5 -5.49 -16.88 8.01
N ALA C 6 -6.61 -17.38 8.53
CA ALA C 6 -7.87 -16.68 8.41
C ALA C 6 -8.09 -15.92 9.74
N VAL C 7 -8.11 -14.59 9.64
CA VAL C 7 -8.21 -13.73 10.78
C VAL C 7 -9.65 -13.24 10.85
N LEU C 8 -10.33 -13.55 11.93
CA LEU C 8 -11.72 -13.05 12.14
C LEU C 8 -11.71 -11.72 12.89
N ALA C 9 -12.25 -10.67 12.27
CA ALA C 9 -12.42 -9.41 12.97
C ALA C 9 -13.92 -9.26 13.29
N VAL C 10 -14.28 -9.21 14.57
CA VAL C 10 -15.67 -8.91 14.96
C VAL C 10 -16.03 -7.42 14.75
N ASN C 11 -17.28 -7.03 14.93
CA ASN C 11 -17.65 -5.66 14.58
C ASN C 11 -18.45 -5.07 15.71
N PRO C 12 -17.83 -4.18 16.53
CA PRO C 12 -16.46 -3.64 16.45
C PRO C 12 -15.35 -4.57 16.97
N VAL C 13 -14.18 -4.46 16.37
CA VAL C 13 -12.96 -5.18 16.76
C VAL C 13 -12.05 -4.26 17.62
N ASN C 14 -11.32 -4.84 18.55
CA ASN C 14 -10.27 -4.09 19.21
C ASN C 14 -9.09 -4.00 18.21
N GLY C 15 -8.80 -2.77 17.78
CA GLY C 15 -7.81 -2.50 16.75
C GLY C 15 -6.43 -2.85 17.26
N CYS C 16 -6.20 -2.63 18.56
CA CYS C 16 -4.91 -2.89 19.11
C CYS C 16 -4.60 -4.39 19.04
N GLY C 17 -5.59 -5.22 19.36
CA GLY C 17 -5.45 -6.67 19.25
C GLY C 17 -5.25 -7.11 17.79
N LEU C 18 -6.10 -6.61 16.92
CA LEU C 18 -6.06 -7.01 15.49
C LEU C 18 -4.70 -6.74 14.86
N PHE C 19 -4.16 -5.54 15.06
CA PHE C 19 -3.00 -5.14 14.33
C PHE C 19 -1.73 -5.71 14.91
N GLN C 20 -1.74 -6.08 16.19
CA GLN C 20 -0.67 -6.91 16.70
C GLN C 20 -0.50 -8.16 15.87
N TYR C 21 -1.60 -8.87 15.63
CA TYR C 21 -1.53 -10.05 14.76
C TYR C 21 -1.08 -9.71 13.34
N LEU C 22 -1.75 -8.77 12.70
CA LEU C 22 -1.51 -8.51 11.27
C LEU C 22 -0.10 -8.00 11.01
N GLU C 23 0.37 -7.13 11.91
CA GLU C 23 1.66 -6.55 11.80
C GLU C 23 2.73 -7.63 11.90
N ALA C 24 2.54 -8.56 12.83
CA ALA C 24 3.45 -9.69 13.00
C ALA C 24 3.39 -10.66 11.81
N PHE C 25 2.19 -10.93 11.29
CA PHE C 25 2.14 -11.74 10.06
C PHE C 25 2.86 -11.05 8.90
N PHE C 26 2.62 -9.76 8.69
CA PHE C 26 3.22 -9.04 7.58
C PHE C 26 4.74 -9.04 7.64
N GLU C 27 5.27 -8.71 8.82
CA GLU C 27 6.69 -8.57 9.06
C GLU C 27 7.42 -9.87 8.94
N ASN C 28 6.72 -10.97 9.18
CA ASN C 28 7.32 -12.30 9.08
C ASN C 28 6.88 -13.11 7.86
N GLY C 29 6.25 -12.49 6.88
CA GLY C 29 5.91 -13.15 5.61
C GLY C 29 4.93 -14.32 5.70
N ILE C 30 4.05 -14.29 6.70
CA ILE C 30 2.97 -15.25 6.89
C ILE C 30 1.75 -14.65 6.19
N SER C 31 1.05 -15.45 5.38
CA SER C 31 -0.06 -14.95 4.60
C SER C 31 -1.31 -14.93 5.46
N TYR C 32 -2.20 -13.98 5.20
CA TYR C 32 -3.42 -13.86 6.02
C TYR C 32 -4.49 -13.25 5.18
N LYS C 33 -5.73 -13.56 5.52
CA LYS C 33 -6.86 -12.91 4.93
C LYS C 33 -7.81 -12.54 6.06
N VAL C 34 -8.29 -11.29 6.06
CA VAL C 34 -9.09 -10.82 7.17
C VAL C 34 -10.54 -10.79 6.81
N PHE C 35 -11.32 -11.60 7.55
CA PHE C 35 -12.74 -11.73 7.35
C PHE C 35 -13.51 -11.00 8.44
N ALA C 36 -14.38 -10.07 8.05
CA ALA C 36 -15.33 -9.41 8.97
C ALA C 36 -16.41 -10.37 9.44
N VAL C 37 -16.65 -10.42 10.75
CA VAL C 37 -17.76 -11.15 11.33
C VAL C 37 -18.95 -10.17 11.29
N SER C 38 -19.46 -9.98 10.08
CA SER C 38 -20.36 -8.88 9.73
C SER C 38 -20.96 -9.19 8.36
N ASP C 39 -22.00 -8.45 7.99
CA ASP C 39 -22.56 -8.56 6.63
C ASP C 39 -21.72 -7.83 5.62
N THR C 40 -20.94 -6.84 6.07
CA THR C 40 -20.07 -6.07 5.18
C THR C 40 -18.60 -6.17 5.57
N LYS C 41 -17.70 -5.99 4.62
CA LYS C 41 -16.30 -5.99 5.00
C LYS C 41 -15.91 -4.65 5.63
N GLU C 42 -16.82 -3.67 5.62
CA GLU C 42 -16.60 -2.40 6.33
C GLU C 42 -17.13 -2.50 7.74
N ILE C 43 -16.21 -2.37 8.68
CA ILE C 43 -16.53 -2.55 10.08
C ILE C 43 -15.96 -1.36 10.85
N LYS C 44 -15.96 -1.42 12.17
CA LYS C 44 -15.37 -0.35 12.96
C LYS C 44 -14.52 -0.99 14.01
N THR C 45 -13.58 -0.21 14.54
CA THR C 45 -12.86 -0.57 15.75
C THR C 45 -13.63 -0.14 16.98
N ASN C 46 -13.20 -0.66 18.11
CA ASN C 46 -13.79 -0.30 19.40
C ASN C 46 -13.79 1.22 19.61
N SER C 47 -12.74 1.86 19.17
CA SER C 47 -12.58 3.29 19.39
C SER C 47 -13.33 4.15 18.36
N GLY C 48 -13.98 3.50 17.41
CA GLY C 48 -14.89 4.19 16.47
C GLY C 48 -14.31 4.47 15.09
N MSE C 49 -13.14 3.92 14.80
CA MSE C 49 -12.56 4.15 13.49
C MSE C 49 -13.11 3.19 12.42
O MSE C 49 -13.24 2.00 12.65
CB MSE C 49 -11.08 3.99 13.59
CG MSE C 49 -10.44 4.13 12.26
SE MSE C 49 -8.66 4.73 12.44
CE MSE C 49 -8.99 6.50 13.25
N VAL C 50 -13.40 3.72 11.23
CA VAL C 50 -13.74 2.84 10.08
C VAL C 50 -12.56 2.01 9.58
N LEU C 51 -12.81 0.71 9.47
CA LEU C 51 -11.81 -0.23 9.07
C LEU C 51 -12.42 -1.13 7.98
N ILE C 52 -11.75 -1.25 6.86
CA ILE C 52 -12.24 -2.11 5.77
C ILE C 52 -11.28 -3.28 5.61
N VAL C 53 -11.80 -4.49 5.79
CA VAL C 53 -10.96 -5.67 5.73
C VAL C 53 -11.19 -6.38 4.37
N ASP C 54 -10.68 -7.61 4.23
CA ASP C 54 -10.58 -8.28 2.94
C ASP C 54 -11.87 -8.86 2.43
N ASP C 55 -12.69 -9.35 3.36
CA ASP C 55 -13.88 -10.13 2.99
C ASP C 55 -14.79 -10.30 4.21
N VAL C 56 -15.83 -11.10 4.02
CA VAL C 56 -16.80 -11.35 5.09
C VAL C 56 -16.77 -12.82 5.45
N ILE C 57 -17.12 -13.12 6.70
CA ILE C 57 -17.11 -14.50 7.18
C ILE C 57 -18.02 -15.47 6.37
N ALA C 58 -19.11 -14.98 5.76
CA ALA C 58 -19.94 -15.84 4.90
C ALA C 58 -19.11 -16.52 3.79
N ASN C 59 -18.09 -15.84 3.31
CA ASN C 59 -17.26 -16.39 2.25
C ASN C 59 -16.08 -17.24 2.72
N LEU C 60 -15.87 -17.32 4.03
CA LEU C 60 -14.90 -18.30 4.57
C LEU C 60 -15.55 -19.68 4.71
N LYS C 61 -16.87 -19.70 4.87
CA LYS C 61 -17.60 -20.95 4.99
C LYS C 61 -17.36 -21.86 3.79
N GLY C 62 -17.00 -23.11 4.11
CA GLY C 62 -16.66 -24.09 3.10
C GLY C 62 -15.24 -23.99 2.56
N HIS C 63 -14.48 -22.99 3.02
CA HIS C 63 -13.08 -22.80 2.57
C HIS C 63 -12.07 -22.90 3.72
N GLU C 64 -12.54 -23.40 4.86
CA GLU C 64 -11.76 -23.51 6.07
C GLU C 64 -10.45 -24.30 5.86
N ASP C 65 -10.55 -25.37 5.07
CA ASP C 65 -9.42 -26.28 4.86
C ASP C 65 -8.35 -25.69 3.91
N GLU C 66 -8.59 -24.48 3.42
CA GLU C 66 -7.59 -23.73 2.65
C GLU C 66 -6.67 -22.85 3.54
N PHE C 67 -6.86 -22.90 4.85
CA PHE C 67 -6.08 -22.07 5.76
C PHE C 67 -5.39 -23.01 6.74
N ASP C 68 -4.36 -22.53 7.43
CA ASP C 68 -3.61 -23.34 8.41
C ASP C 68 -3.97 -23.01 9.86
N ALA C 69 -4.56 -21.82 10.04
CA ALA C 69 -4.84 -21.26 11.35
C ALA C 69 -6.02 -20.28 11.28
N LEU C 70 -6.71 -20.16 12.41
CA LEU C 70 -7.79 -19.20 12.59
C LEU C 70 -7.37 -18.30 13.74
N VAL C 71 -7.43 -16.99 13.54
CA VAL C 71 -7.31 -16.02 14.62
C VAL C 71 -8.70 -15.44 14.93
N PHE C 72 -9.09 -15.50 16.19
CA PHE C 72 -10.27 -14.76 16.61
C PHE C 72 -9.78 -13.47 17.27
N SER C 73 -10.05 -12.34 16.62
CA SER C 73 -9.55 -11.07 17.14
C SER C 73 -10.72 -10.39 17.83
N CYS C 74 -10.66 -10.29 19.16
CA CYS C 74 -11.82 -9.91 19.98
C CYS C 74 -12.17 -8.42 19.87
N GLY C 75 -13.32 -8.04 20.41
CA GLY C 75 -13.74 -6.65 20.38
C GLY C 75 -15.07 -6.51 21.09
N ASP C 76 -15.62 -5.31 21.01
CA ASP C 76 -16.84 -4.96 21.78
C ASP C 76 -18.15 -5.59 21.26
N ALA C 77 -18.11 -6.26 20.11
CA ALA C 77 -19.20 -7.12 19.66
C ALA C 77 -19.42 -8.36 20.54
N VAL C 78 -18.36 -8.85 21.17
CA VAL C 78 -18.45 -10.11 21.93
C VAL C 78 -19.42 -10.11 23.10
N PRO C 79 -19.42 -9.05 23.94
CA PRO C 79 -20.41 -8.97 25.04
C PRO C 79 -21.88 -9.01 24.60
N VAL C 80 -22.17 -8.78 23.31
CA VAL C 80 -23.54 -8.92 22.84
C VAL C 80 -23.74 -10.14 21.92
N PHE C 81 -22.70 -10.97 21.75
CA PHE C 81 -22.79 -12.14 20.86
C PHE C 81 -23.94 -13.07 21.19
N GLN C 82 -24.17 -13.33 22.47
CA GLN C 82 -25.21 -14.29 22.83
C GLN C 82 -26.60 -13.71 22.55
N GLN C 83 -26.75 -12.40 22.71
CA GLN C 83 -28.00 -11.70 22.34
C GLN C 83 -28.29 -11.89 20.86
N TYR C 84 -27.24 -11.88 20.03
CA TYR C 84 -27.39 -11.92 18.60
C TYR C 84 -26.88 -13.21 17.96
N ALA C 85 -26.94 -14.32 18.69
CA ALA C 85 -26.41 -15.60 18.23
C ALA C 85 -27.04 -16.02 16.91
N ASN C 86 -28.26 -15.53 16.66
CA ASN C 86 -29.00 -15.88 15.46
C ASN C 86 -28.67 -15.02 14.25
N GLN C 87 -27.88 -13.97 14.45
CA GLN C 87 -27.43 -13.21 13.32
C GLN C 87 -26.61 -14.19 12.48
N PRO C 88 -26.84 -14.23 11.15
CA PRO C 88 -26.11 -15.11 10.25
C PRO C 88 -24.59 -15.08 10.38
N TYR C 89 -23.99 -13.90 10.57
CA TYR C 89 -22.55 -13.83 10.75
C TYR C 89 -22.11 -14.50 12.06
N ASN C 90 -23.01 -14.55 13.04
CA ASN C 90 -22.71 -15.23 14.31
C ASN C 90 -22.98 -16.75 14.25
N VAL C 91 -23.96 -17.13 13.44
CA VAL C 91 -24.17 -18.57 13.11
C VAL C 91 -22.93 -19.04 12.31
N ASP C 92 -22.52 -18.26 11.32
CA ASP C 92 -21.32 -18.58 10.57
C ASP C 92 -20.12 -18.64 11.48
N LEU C 93 -20.02 -17.68 12.41
CA LEU C 93 -18.89 -17.65 13.33
C LEU C 93 -18.71 -18.99 14.05
N MSE C 94 -19.79 -19.50 14.61
CA MSE C 94 -19.74 -20.77 15.35
C MSE C 94 -19.39 -21.93 14.43
O MSE C 94 -18.63 -22.81 14.84
CB MSE C 94 -21.06 -21.06 16.04
CG MSE C 94 -21.39 -20.09 17.14
SE MSE C 94 -20.34 -20.38 18.76
CE MSE C 94 -18.84 -19.17 18.40
N GLU C 95 -19.94 -21.93 13.22
CA GLU C 95 -19.72 -23.07 12.32
C GLU C 95 -18.26 -23.08 11.90
N VAL C 96 -17.72 -21.91 11.58
CA VAL C 96 -16.36 -21.76 11.11
C VAL C 96 -15.37 -22.17 12.20
N ILE C 97 -15.64 -21.78 13.45
CA ILE C 97 -14.72 -22.08 14.53
C ILE C 97 -14.75 -23.61 14.76
N LYS C 98 -15.94 -24.16 14.81
CA LYS C 98 -16.11 -25.61 14.95
C LYS C 98 -15.35 -26.36 13.86
N THR C 99 -15.47 -25.90 12.62
CA THR C 99 -14.84 -26.58 11.48
C THR C 99 -13.32 -26.50 11.54
N PHE C 100 -12.77 -25.31 11.82
CA PHE C 100 -11.32 -25.17 11.97
C PHE C 100 -10.80 -26.09 13.09
N GLY C 101 -11.53 -26.13 14.21
CA GLY C 101 -11.14 -26.94 15.36
C GLY C 101 -11.08 -28.43 15.00
N GLU C 102 -12.16 -28.91 14.38
CA GLU C 102 -12.25 -30.30 13.97
C GLU C 102 -11.25 -30.67 12.87
N LYS C 103 -10.84 -29.70 12.07
CA LYS C 103 -9.85 -30.00 11.04
C LYS C 103 -8.40 -29.91 11.54
N GLY C 104 -8.26 -29.71 12.84
CA GLY C 104 -6.98 -29.72 13.54
C GLY C 104 -6.15 -28.50 13.23
N LYS C 105 -6.82 -27.40 12.94
CA LYS C 105 -6.09 -26.19 12.58
C LYS C 105 -5.60 -25.51 13.84
N MSE C 106 -4.66 -24.59 13.67
CA MSE C 106 -4.18 -23.78 14.78
C MSE C 106 -5.22 -22.70 15.15
O MSE C 106 -5.71 -21.96 14.30
CB MSE C 106 -2.87 -23.14 14.38
CG MSE C 106 -2.26 -22.19 15.40
SE MSE C 106 -0.50 -21.79 14.65
CE MSE C 106 -0.17 -23.52 13.84
N MSE C 107 -5.51 -22.61 16.44
CA MSE C 107 -6.63 -21.83 16.98
C MSE C 107 -6.04 -20.72 17.85
O MSE C 107 -5.55 -20.97 18.95
CB MSE C 107 -7.55 -22.71 17.81
CG MSE C 107 -8.16 -23.96 17.12
SE MSE C 107 -8.94 -23.53 15.37
CE MSE C 107 -10.56 -22.60 15.99
N ILE C 108 -6.04 -19.49 17.33
CA ILE C 108 -5.39 -18.37 18.00
C ILE C 108 -6.44 -17.34 18.43
N GLY C 109 -6.34 -16.86 19.66
CA GLY C 109 -7.28 -15.83 20.09
C GLY C 109 -6.87 -15.14 21.38
N HIS C 110 -7.53 -14.02 21.66
CA HIS C 110 -7.33 -13.31 22.93
C HIS C 110 -8.65 -12.78 23.48
N CYS C 111 -8.57 -12.22 24.67
CA CYS C 111 -9.72 -11.74 25.44
C CYS C 111 -10.79 -12.81 25.58
N ALA C 112 -11.88 -12.70 24.83
CA ALA C 112 -12.94 -13.72 24.91
C ALA C 112 -12.85 -14.77 23.81
N GLY C 113 -11.75 -14.76 23.03
CA GLY C 113 -11.52 -15.77 22.02
C GLY C 113 -11.62 -17.19 22.52
N ALA C 114 -10.99 -17.50 23.66
CA ALA C 114 -11.10 -18.84 24.24
C ALA C 114 -12.55 -19.16 24.53
N MSE C 115 -13.33 -18.17 24.97
CA MSE C 115 -14.76 -18.41 25.22
C MSE C 115 -15.52 -18.84 23.95
O MSE C 115 -16.24 -19.84 23.95
CB MSE C 115 -15.43 -17.21 25.92
CG MSE C 115 -16.86 -17.49 26.35
SE MSE C 115 -17.76 -15.86 26.92
CE MSE C 115 -19.42 -16.55 27.71
N MSE C 116 -15.29 -18.12 22.86
CA MSE C 116 -15.90 -18.43 21.56
C MSE C 116 -15.52 -19.83 21.11
O MSE C 116 -16.38 -20.61 20.69
CB MSE C 116 -15.50 -17.40 20.49
CG MSE C 116 -15.90 -15.98 20.79
SE MSE C 116 -17.88 -15.71 20.80
CE MSE C 116 -18.31 -16.44 19.09
N PHE C 117 -14.22 -20.15 21.22
CA PHE C 117 -13.81 -21.50 20.94
C PHE C 117 -14.58 -22.46 21.87
N ASP C 118 -14.66 -22.12 23.16
CA ASP C 118 -15.32 -23.01 24.15
C ASP C 118 -16.78 -23.33 23.81
N PHE C 119 -17.50 -22.33 23.29
CA PHE C 119 -18.91 -22.51 22.91
C PHE C 119 -19.08 -23.65 21.90
N THR C 120 -18.06 -23.89 21.08
CA THR C 120 -18.14 -24.94 20.05
C THR C 120 -17.74 -26.32 20.55
N GLY C 121 -17.14 -26.36 21.74
CA GLY C 121 -16.76 -27.61 22.39
C GLY C 121 -15.35 -28.03 22.06
N ILE C 122 -14.67 -27.32 21.15
CA ILE C 122 -13.37 -27.80 20.61
C ILE C 122 -12.21 -27.74 21.60
N THR C 123 -12.39 -26.93 22.63
CA THR C 123 -11.41 -26.71 23.66
C THR C 123 -11.43 -27.80 24.76
N LYS C 124 -12.25 -28.84 24.61
CA LYS C 124 -12.40 -29.85 25.67
C LYS C 124 -11.04 -30.33 26.17
N GLY C 125 -10.84 -30.27 27.48
CA GLY C 125 -9.62 -30.75 28.12
C GLY C 125 -8.39 -29.88 27.95
N LYS C 126 -8.55 -28.74 27.26
CA LYS C 126 -7.41 -27.86 26.92
C LYS C 126 -7.28 -26.62 27.81
N LYS C 127 -6.05 -26.29 28.18
CA LYS C 127 -5.76 -25.13 29.00
C LYS C 127 -5.91 -23.89 28.12
N VAL C 128 -6.71 -22.93 28.57
CA VAL C 128 -6.87 -21.67 27.80
C VAL C 128 -6.64 -20.46 28.71
N ALA C 129 -6.14 -19.37 28.15
CA ALA C 129 -6.12 -18.08 28.84
C ALA C 129 -7.29 -17.26 28.29
N VAL C 130 -7.94 -16.52 29.16
CA VAL C 130 -9.17 -15.86 28.78
C VAL C 130 -9.30 -14.63 29.66
N HIS C 131 -10.01 -13.60 29.17
CA HIS C 131 -10.25 -12.44 30.00
C HIS C 131 -10.90 -12.88 31.32
N PRO C 132 -10.44 -12.32 32.46
CA PRO C 132 -10.97 -12.67 33.78
C PRO C 132 -12.48 -12.61 33.88
N LEU C 133 -13.12 -11.63 33.24
CA LEU C 133 -14.58 -11.57 33.23
C LEU C 133 -15.21 -12.68 32.41
N ALA C 134 -14.48 -13.25 31.46
CA ALA C 134 -15.05 -14.35 30.66
C ALA C 134 -14.71 -15.72 31.23
N LYS C 135 -13.90 -15.74 32.29
CA LYS C 135 -13.40 -16.98 32.87
C LYS C 135 -14.53 -17.92 33.33
N PRO C 136 -15.59 -17.37 33.99
CA PRO C 136 -16.69 -18.26 34.40
C PRO C 136 -17.40 -18.97 33.24
N ALA C 137 -17.28 -18.43 32.03
CA ALA C 137 -17.96 -19.04 30.90
C ALA C 137 -17.26 -20.23 30.27
N ILE C 138 -16.01 -20.47 30.66
CA ILE C 138 -15.25 -21.61 30.14
C ILE C 138 -15.73 -22.91 30.78
N GLN C 139 -16.34 -23.77 29.96
CA GLN C 139 -16.98 -24.99 30.45
C GLN C 139 -16.29 -26.24 29.92
N ASN C 140 -15.79 -26.20 28.70
CA ASN C 140 -15.18 -27.39 28.14
C ASN C 140 -13.69 -27.39 28.36
N GLY C 141 -13.05 -26.24 28.17
CA GLY C 141 -11.64 -26.12 28.42
C GLY C 141 -11.35 -25.91 29.89
N ILE C 142 -10.07 -25.67 30.18
CA ILE C 142 -9.62 -25.47 31.55
C ILE C 142 -9.03 -24.06 31.59
N ALA C 143 -9.77 -23.10 32.14
CA ALA C 143 -9.29 -21.72 32.19
C ALA C 143 -8.21 -21.54 33.25
N THR C 144 -7.13 -20.87 32.87
CA THR C 144 -6.09 -20.58 33.82
C THR C 144 -6.02 -19.08 34.03
N ASP C 145 -5.19 -18.66 34.98
CA ASP C 145 -5.00 -17.23 35.22
C ASP C 145 -3.76 -16.71 34.52
N GLU C 146 -3.17 -17.50 33.62
CA GLU C 146 -1.96 -17.05 32.95
C GLU C 146 -2.24 -16.05 31.82
N LYS C 147 -1.25 -15.20 31.55
CA LYS C 147 -1.29 -14.22 30.47
C LYS C 147 -1.54 -14.87 29.10
N SER C 148 -0.95 -16.04 28.88
CA SER C 148 -1.25 -16.85 27.72
C SER C 148 -1.11 -18.34 28.03
N GLU C 149 -1.75 -19.17 27.20
CA GLU C 149 -1.65 -20.63 27.30
C GLU C 149 -1.46 -21.17 25.88
N ILE C 150 -0.53 -22.08 25.72
CA ILE C 150 -0.42 -22.84 24.48
C ILE C 150 -0.63 -24.29 24.85
N ASP C 151 -1.62 -24.94 24.24
CA ASP C 151 -1.93 -26.32 24.57
C ASP C 151 -2.45 -26.99 23.30
N GLY C 152 -1.66 -27.91 22.75
CA GLY C 152 -1.98 -28.54 21.46
C GLY C 152 -2.14 -27.42 20.45
N ASN C 153 -3.27 -27.40 19.75
CA ASN C 153 -3.49 -26.41 18.69
C ASN C 153 -3.97 -25.04 19.16
N PHE C 154 -4.10 -24.86 20.48
CA PHE C 154 -4.69 -23.65 21.02
C PHE C 154 -3.64 -22.69 21.52
N PHE C 155 -3.73 -21.46 21.03
CA PHE C 155 -2.78 -20.40 21.40
C PHE C 155 -3.67 -19.27 21.84
N THR C 156 -3.83 -19.10 23.16
CA THR C 156 -4.77 -18.08 23.66
C THR C 156 -4.11 -17.12 24.64
N ALA C 157 -4.49 -15.85 24.57
CA ALA C 157 -3.98 -14.82 25.47
C ALA C 157 -5.12 -14.17 26.25
N GLN C 158 -4.82 -13.75 27.48
CA GLN C 158 -5.82 -13.15 28.35
C GLN C 158 -6.51 -11.89 27.76
N ASP C 159 -5.74 -10.98 27.17
CA ASP C 159 -6.31 -9.82 26.44
C ASP C 159 -5.24 -9.21 25.55
N GLU C 160 -5.54 -8.06 24.96
CA GLU C 160 -4.64 -7.35 24.01
C GLU C 160 -3.30 -7.07 24.61
N ASN C 161 -3.31 -6.81 25.90
CA ASN C 161 -2.14 -6.42 26.64
C ASN C 161 -1.20 -7.62 26.96
N THR C 162 -1.63 -8.85 26.66
CA THR C 162 -0.76 -10.03 26.88
C THR C 162 -0.50 -10.89 25.61
N ILE C 163 -1.00 -10.43 24.47
CA ILE C 163 -0.71 -11.07 23.21
C ILE C 163 0.81 -11.21 23.02
N TRP C 164 1.62 -10.21 23.44
CA TRP C 164 3.08 -10.24 23.24
C TRP C 164 3.70 -11.49 23.91
N THR C 165 3.02 -12.01 24.93
CA THR C 165 3.54 -13.18 25.64
C THR C 165 3.45 -14.46 24.86
N MSE C 166 2.64 -14.50 23.79
CA MSE C 166 2.50 -15.72 23.00
C MSE C 166 2.82 -15.53 21.52
O MSE C 166 3.04 -16.50 20.80
CB MSE C 166 1.10 -16.30 23.14
CG MSE C 166 0.03 -15.42 22.46
SE MSE C 166 -1.62 -16.41 22.24
CE MSE C 166 -2.66 -15.09 21.16
N LEU C 167 2.82 -14.29 21.07
CA LEU C 167 2.91 -14.00 19.65
C LEU C 167 4.19 -14.56 19.01
N PRO C 168 5.38 -14.37 19.65
CA PRO C 168 6.57 -14.99 19.04
C PRO C 168 6.39 -16.50 18.82
N LYS C 169 5.73 -17.18 19.77
CA LYS C 169 5.47 -18.61 19.63
C LYS C 169 4.50 -18.91 18.50
N VAL C 170 3.56 -17.99 18.27
CA VAL C 170 2.58 -18.15 17.24
C VAL C 170 3.27 -18.02 15.92
N ILE C 171 4.13 -17.00 15.80
CA ILE C 171 4.89 -16.73 14.58
C ILE C 171 5.74 -17.96 14.26
N GLU C 172 6.44 -18.48 15.27
CA GLU C 172 7.29 -19.66 15.03
C GLU C 172 6.50 -20.85 14.50
N ALA C 173 5.28 -21.03 15.02
CA ALA C 173 4.49 -22.21 14.65
C ALA C 173 3.91 -22.06 13.24
N LEU C 174 3.95 -20.84 12.70
CA LEU C 174 3.38 -20.58 11.38
C LEU C 174 4.43 -20.49 10.25
N LYS C 175 5.68 -20.83 10.55
CA LYS C 175 6.69 -20.92 9.50
C LYS C 175 7.66 -22.03 9.80
N ALA D 2 -7.77 20.60 -2.94
CA ALA D 2 -7.00 19.36 -3.31
C ALA D 2 -7.62 18.63 -4.54
N LYS D 3 -7.16 18.94 -5.76
CA LYS D 3 -7.86 18.53 -7.00
C LYS D 3 -8.05 17.02 -7.20
N LYS D 4 -9.16 16.67 -7.87
CA LYS D 4 -9.60 15.29 -8.02
C LYS D 4 -9.81 14.92 -9.49
N VAL D 5 -9.17 13.84 -9.92
CA VAL D 5 -9.35 13.37 -11.28
C VAL D 5 -10.01 12.02 -11.36
N ALA D 6 -10.92 11.91 -12.30
CA ALA D 6 -11.58 10.64 -12.66
C ALA D 6 -10.80 10.06 -13.82
N VAL D 7 -10.07 8.97 -13.53
CA VAL D 7 -9.30 8.27 -14.53
C VAL D 7 -10.11 7.11 -15.09
N LEU D 8 -10.30 7.12 -16.40
CA LEU D 8 -11.04 6.07 -17.12
C LEU D 8 -10.04 5.13 -17.74
N ALA D 9 -10.15 3.85 -17.38
CA ALA D 9 -9.25 2.83 -17.87
C ALA D 9 -10.13 1.91 -18.68
N VAL D 10 -9.86 1.80 -19.98
CA VAL D 10 -10.60 0.87 -20.83
C VAL D 10 -10.10 -0.56 -20.59
N ASN D 11 -10.74 -1.53 -21.19
CA ASN D 11 -10.43 -2.92 -20.88
C ASN D 11 -10.30 -3.71 -22.18
N PRO D 12 -9.03 -4.00 -22.61
CA PRO D 12 -7.77 -3.79 -21.90
C PRO D 12 -7.23 -2.35 -21.98
N VAL D 13 -6.51 -1.93 -20.95
CA VAL D 13 -5.86 -0.62 -20.93
C VAL D 13 -4.35 -0.73 -21.27
N ASN D 14 -3.79 0.25 -21.95
CA ASN D 14 -2.33 0.35 -22.02
C ASN D 14 -1.77 0.78 -20.65
N GLY D 15 -1.08 -0.14 -19.99
CA GLY D 15 -0.63 0.05 -18.62
C GLY D 15 0.46 1.09 -18.56
N CYS D 16 1.28 1.20 -19.61
CA CYS D 16 2.33 2.21 -19.63
C CYS D 16 1.70 3.62 -19.66
N GLY D 17 0.67 3.83 -20.46
CA GLY D 17 -0.09 5.10 -20.44
C GLY D 17 -0.73 5.33 -19.06
N LEU D 18 -1.42 4.32 -18.58
CA LEU D 18 -2.18 4.48 -17.35
C LEU D 18 -1.26 4.86 -16.21
N PHE D 19 -0.16 4.12 -15.99
CA PHE D 19 0.65 4.41 -14.84
C PHE D 19 1.51 5.65 -14.94
N GLN D 20 1.74 6.15 -16.14
CA GLN D 20 2.34 7.47 -16.24
C GLN D 20 1.49 8.52 -15.56
N TYR D 21 0.18 8.47 -15.80
CA TYR D 21 -0.72 9.39 -15.16
C TYR D 21 -0.76 9.14 -13.67
N LEU D 22 -1.05 7.91 -13.27
CA LEU D 22 -1.27 7.65 -11.85
C LEU D 22 -0.06 7.93 -11.00
N GLU D 23 1.12 7.61 -11.57
CA GLU D 23 2.36 7.81 -10.87
C GLU D 23 2.64 9.29 -10.69
N ALA D 24 2.40 10.08 -11.72
CA ALA D 24 2.55 11.52 -11.61
C ALA D 24 1.54 12.15 -10.63
N PHE D 25 0.29 11.69 -10.64
CA PHE D 25 -0.68 12.20 -9.64
C PHE D 25 -0.24 11.84 -8.22
N PHE D 26 0.08 10.57 -7.99
CA PHE D 26 0.50 10.15 -6.65
C PHE D 26 1.72 10.91 -6.16
N GLU D 27 2.75 11.03 -7.02
CA GLU D 27 3.98 11.77 -6.66
C GLU D 27 3.81 13.25 -6.39
N ASN D 28 2.80 13.84 -7.03
CA ASN D 28 2.49 15.26 -6.84
C ASN D 28 1.28 15.57 -5.97
N GLY D 29 0.75 14.56 -5.28
CA GLY D 29 -0.37 14.80 -4.33
C GLY D 29 -1.72 15.21 -4.90
N ILE D 30 -1.98 14.82 -6.14
CA ILE D 30 -3.24 15.03 -6.83
C ILE D 30 -4.11 13.82 -6.58
N SER D 31 -5.38 14.05 -6.22
CA SER D 31 -6.25 12.93 -5.90
C SER D 31 -6.86 12.32 -7.16
N TYR D 32 -7.12 11.02 -7.15
CA TYR D 32 -7.68 10.39 -8.35
C TYR D 32 -8.47 9.19 -7.93
N LYS D 33 -9.40 8.79 -8.78
CA LYS D 33 -10.13 7.56 -8.60
C LYS D 33 -10.18 6.95 -9.99
N VAL D 34 -9.94 5.63 -10.08
CA VAL D 34 -9.78 4.99 -11.36
C VAL D 34 -10.96 4.10 -11.62
N PHE D 35 -11.69 4.46 -12.69
CA PHE D 35 -12.89 3.80 -13.08
C PHE D 35 -12.65 2.95 -14.29
N ALA D 36 -12.98 1.66 -14.17
CA ALA D 36 -13.02 0.77 -15.32
C ALA D 36 -14.14 1.07 -16.30
N VAL D 37 -13.79 1.15 -17.56
CA VAL D 37 -14.77 1.19 -18.62
C VAL D 37 -15.15 -0.27 -18.94
N SER D 38 -15.90 -0.83 -18.01
CA SER D 38 -16.13 -2.27 -17.94
C SER D 38 -17.29 -2.53 -17.00
N ASP D 39 -17.81 -3.75 -17.00
CA ASP D 39 -18.83 -4.16 -16.04
C ASP D 39 -18.25 -4.42 -14.66
N THR D 40 -16.95 -4.77 -14.59
CA THR D 40 -16.29 -5.11 -13.33
C THR D 40 -15.05 -4.24 -13.14
N LYS D 41 -14.65 -4.02 -11.89
CA LYS D 41 -13.46 -3.22 -11.65
C LYS D 41 -12.18 -4.01 -11.93
N GLU D 42 -12.33 -5.30 -12.22
CA GLU D 42 -11.19 -6.14 -12.62
C GLU D 42 -11.08 -6.17 -14.14
N ILE D 43 -9.96 -5.65 -14.62
CA ILE D 43 -9.73 -5.47 -16.03
C ILE D 43 -8.36 -6.07 -16.36
N LYS D 44 -7.89 -5.89 -17.59
CA LYS D 44 -6.59 -6.40 -17.98
C LYS D 44 -5.85 -5.28 -18.63
N THR D 45 -4.52 -5.39 -18.63
CA THR D 45 -3.73 -4.54 -19.51
C THR D 45 -3.60 -5.15 -20.90
N ASN D 46 -3.17 -4.33 -21.86
CA ASN D 46 -2.91 -4.76 -23.23
C ASN D 46 -2.04 -6.01 -23.25
N SER D 47 -1.09 -6.02 -22.34
CA SER D 47 -0.08 -7.07 -22.29
C SER D 47 -0.53 -8.27 -21.48
N GLY D 48 -1.79 -8.24 -21.04
CA GLY D 48 -2.43 -9.41 -20.42
C GLY D 48 -2.40 -9.50 -18.90
N MSE D 49 -1.87 -8.47 -18.23
CA MSE D 49 -1.86 -8.50 -16.78
C MSE D 49 -3.21 -8.15 -16.15
O MSE D 49 -3.89 -7.24 -16.58
CB MSE D 49 -0.85 -7.53 -16.25
CG MSE D 49 -0.78 -7.62 -14.76
SE MSE D 49 0.95 -7.07 -14.20
CE MSE D 49 1.93 -8.62 -14.96
N VAL D 50 -3.58 -8.89 -15.10
CA VAL D 50 -4.76 -8.56 -14.31
C VAL D 50 -4.54 -7.29 -13.47
N LEU D 51 -5.47 -6.34 -13.62
CA LEU D 51 -5.41 -5.04 -13.01
C LEU D 51 -6.79 -4.76 -12.37
N ILE D 52 -6.78 -4.43 -11.10
CA ILE D 52 -8.02 -4.13 -10.41
C ILE D 52 -7.99 -2.66 -10.01
N VAL D 53 -8.95 -1.89 -10.54
CA VAL D 53 -9.00 -0.45 -10.27
C VAL D 53 -10.06 -0.15 -9.18
N ASP D 54 -10.41 1.13 -8.98
CA ASP D 54 -11.19 1.55 -7.83
C ASP D 54 -12.66 1.19 -7.94
N ASP D 55 -13.21 1.32 -9.15
CA ASP D 55 -14.66 1.31 -9.32
C ASP D 55 -14.94 1.13 -10.80
N VAL D 56 -16.22 1.15 -11.17
CA VAL D 56 -16.60 1.00 -12.58
C VAL D 56 -17.28 2.27 -13.07
N ILE D 57 -17.26 2.50 -14.37
CA ILE D 57 -17.77 3.75 -14.91
C ILE D 57 -19.27 4.01 -14.63
N ALA D 58 -20.09 2.96 -14.54
CA ALA D 58 -21.51 3.11 -14.15
C ALA D 58 -21.69 3.98 -12.93
N ASN D 59 -20.72 3.88 -12.01
CA ASN D 59 -20.77 4.57 -10.73
C ASN D 59 -20.19 5.97 -10.76
N LEU D 60 -19.55 6.32 -11.88
CA LEU D 60 -19.15 7.69 -12.11
C LEU D 60 -20.32 8.57 -12.57
N LYS D 61 -21.27 8.01 -13.31
CA LYS D 61 -22.41 8.77 -13.82
C LYS D 61 -23.17 9.41 -12.67
N GLY D 62 -23.55 10.68 -12.87
CA GLY D 62 -24.23 11.46 -11.85
C GLY D 62 -23.28 11.99 -10.79
N HIS D 63 -22.00 11.60 -10.84
CA HIS D 63 -21.06 12.10 -9.84
C HIS D 63 -19.93 12.90 -10.47
N GLU D 64 -20.12 13.27 -11.73
CA GLU D 64 -19.10 13.94 -12.52
C GLU D 64 -18.70 15.25 -11.84
N ASP D 65 -19.67 15.81 -11.09
CA ASP D 65 -19.51 17.06 -10.35
C ASP D 65 -18.39 16.97 -9.33
N GLU D 66 -18.20 15.79 -8.74
CA GLU D 66 -17.20 15.58 -7.69
C GLU D 66 -15.72 15.57 -8.19
N PHE D 67 -15.50 15.88 -9.46
CA PHE D 67 -14.15 15.80 -10.04
C PHE D 67 -13.81 17.07 -10.77
N ASP D 68 -12.51 17.34 -10.94
CA ASP D 68 -12.05 18.55 -11.62
C ASP D 68 -11.56 18.25 -13.04
N ALA D 69 -11.37 16.96 -13.32
CA ALA D 69 -10.66 16.53 -14.52
C ALA D 69 -11.00 15.07 -14.86
N LEU D 70 -10.94 14.74 -16.15
CA LEU D 70 -11.15 13.39 -16.66
C LEU D 70 -9.92 13.00 -17.46
N VAL D 71 -9.38 11.82 -17.17
CA VAL D 71 -8.33 11.22 -18.00
C VAL D 71 -8.95 10.05 -18.77
N PHE D 72 -8.76 10.04 -20.08
CA PHE D 72 -9.05 8.85 -20.86
C PHE D 72 -7.72 8.12 -21.10
N SER D 73 -7.59 6.93 -20.52
CA SER D 73 -6.33 6.20 -20.65
C SER D 73 -6.62 5.12 -21.70
N CYS D 74 -6.07 5.30 -22.92
CA CYS D 74 -6.41 4.44 -24.06
C CYS D 74 -5.87 3.01 -23.92
N GLY D 75 -6.30 2.12 -24.82
CA GLY D 75 -5.90 0.72 -24.74
C GLY D 75 -6.51 -0.01 -25.91
N ASP D 76 -6.22 -1.31 -25.99
CA ASP D 76 -6.69 -2.16 -27.09
C ASP D 76 -8.22 -2.38 -27.18
N ALA D 77 -8.97 -1.94 -26.16
CA ALA D 77 -10.44 -1.85 -26.27
C ALA D 77 -10.92 -0.86 -27.34
N VAL D 78 -10.16 0.19 -27.55
CA VAL D 78 -10.60 1.29 -28.41
C VAL D 78 -10.87 0.95 -29.87
N PRO D 79 -9.96 0.20 -30.54
CA PRO D 79 -10.23 -0.24 -31.92
C PRO D 79 -11.52 -1.03 -32.10
N VAL D 80 -12.13 -1.51 -31.02
CA VAL D 80 -13.41 -2.22 -31.12
C VAL D 80 -14.59 -1.44 -30.50
N PHE D 81 -14.34 -0.19 -30.09
CA PHE D 81 -15.36 0.67 -29.50
C PHE D 81 -16.60 0.80 -30.37
N GLN D 82 -16.41 1.13 -31.66
CA GLN D 82 -17.55 1.39 -32.54
C GLN D 82 -18.38 0.13 -32.69
N GLN D 83 -17.72 -1.01 -32.75
CA GLN D 83 -18.40 -2.32 -32.81
C GLN D 83 -19.25 -2.56 -31.57
N TYR D 84 -18.78 -2.07 -30.42
CA TYR D 84 -19.47 -2.35 -29.16
C TYR D 84 -20.05 -1.11 -28.51
N ALA D 85 -20.43 -0.13 -29.33
CA ALA D 85 -20.88 1.18 -28.84
C ALA D 85 -22.12 1.04 -27.98
N ASN D 86 -22.85 -0.07 -28.10
CA ASN D 86 -24.10 -0.25 -27.36
C ASN D 86 -23.91 -0.97 -26.03
N GLN D 87 -22.70 -1.46 -25.78
CA GLN D 87 -22.39 -2.00 -24.46
C GLN D 87 -22.62 -0.87 -23.46
N PRO D 88 -23.33 -1.15 -22.34
CA PRO D 88 -23.58 -0.15 -21.30
C PRO D 88 -22.35 0.62 -20.84
N TYR D 89 -21.19 -0.02 -20.70
CA TYR D 89 -20.04 0.77 -20.28
C TYR D 89 -19.60 1.80 -21.35
N ASN D 90 -19.88 1.52 -22.61
CA ASN D 90 -19.53 2.41 -23.71
C ASN D 90 -20.55 3.52 -23.95
N VAL D 91 -21.81 3.21 -23.69
CA VAL D 91 -22.86 4.24 -23.62
C VAL D 91 -22.50 5.17 -22.43
N ASP D 92 -22.12 4.59 -21.28
CA ASP D 92 -21.72 5.43 -20.13
C ASP D 92 -20.49 6.26 -20.41
N LEU D 93 -19.51 5.65 -21.09
CA LEU D 93 -18.34 6.36 -21.56
C LEU D 93 -18.68 7.67 -22.30
N MSE D 94 -19.56 7.57 -23.29
CA MSE D 94 -19.92 8.77 -24.10
C MSE D 94 -20.60 9.83 -23.23
O MSE D 94 -20.25 11.04 -23.27
CB MSE D 94 -20.82 8.37 -25.28
CG MSE D 94 -20.12 7.54 -26.34
SE MSE D 94 -18.80 8.62 -27.37
CE MSE D 94 -17.23 8.41 -26.27
N GLU D 95 -21.54 9.38 -22.40
CA GLU D 95 -22.32 10.29 -21.57
C GLU D 95 -21.42 11.04 -20.60
N VAL D 96 -20.53 10.30 -19.91
CA VAL D 96 -19.58 10.86 -18.96
C VAL D 96 -18.59 11.84 -19.61
N ILE D 97 -18.01 11.46 -20.74
CA ILE D 97 -17.13 12.39 -21.47
C ILE D 97 -17.89 13.66 -21.88
N LYS D 98 -19.08 13.48 -22.43
CA LYS D 98 -19.95 14.62 -22.76
C LYS D 98 -20.26 15.49 -21.53
N THR D 99 -20.64 14.89 -20.41
CA THR D 99 -20.92 15.64 -19.18
C THR D 99 -19.70 16.41 -18.64
N PHE D 100 -18.55 15.73 -18.51
CA PHE D 100 -17.35 16.42 -18.08
C PHE D 100 -17.05 17.62 -19.01
N GLY D 101 -17.12 17.35 -20.31
CA GLY D 101 -16.84 18.37 -21.34
C GLY D 101 -17.75 19.57 -21.17
N GLU D 102 -19.05 19.30 -21.13
CA GLU D 102 -20.05 20.35 -20.92
C GLU D 102 -19.90 21.13 -19.60
N LYS D 103 -19.44 20.46 -18.54
CA LYS D 103 -19.26 21.12 -17.25
C LYS D 103 -17.92 21.89 -17.18
N GLY D 104 -17.18 21.93 -18.28
CA GLY D 104 -15.95 22.71 -18.36
C GLY D 104 -14.76 22.07 -17.67
N LYS D 105 -14.81 20.74 -17.47
CA LYS D 105 -13.75 20.09 -16.72
C LYS D 105 -12.50 20.00 -17.59
N MSE D 106 -11.35 19.73 -17.00
CA MSE D 106 -10.12 19.54 -17.77
C MSE D 106 -10.15 18.14 -18.41
O MSE D 106 -10.40 17.17 -17.71
CB MSE D 106 -8.94 19.69 -16.83
CG MSE D 106 -7.55 19.25 -17.36
SE MSE D 106 -6.29 19.70 -15.90
CE MSE D 106 -6.76 21.61 -15.79
N MSE D 107 -9.90 18.07 -19.71
CA MSE D 107 -10.02 16.81 -20.44
C MSE D 107 -8.63 16.31 -20.86
O MSE D 107 -7.95 16.92 -21.71
CB MSE D 107 -10.93 16.95 -21.65
CG MSE D 107 -12.24 17.70 -21.40
SE MSE D 107 -13.33 16.77 -20.08
CE MSE D 107 -13.96 15.23 -21.18
N ILE D 108 -8.20 15.20 -20.29
CA ILE D 108 -6.83 14.72 -20.54
C ILE D 108 -6.89 13.35 -21.21
N GLY D 109 -6.03 13.11 -22.20
CA GLY D 109 -6.06 11.83 -22.93
C GLY D 109 -4.86 11.66 -23.81
N HIS D 110 -4.64 10.43 -24.26
CA HIS D 110 -3.61 10.10 -25.26
C HIS D 110 -4.13 9.00 -26.19
N CYS D 111 -3.32 8.72 -27.21
CA CYS D 111 -3.64 7.81 -28.32
C CYS D 111 -4.97 8.19 -28.95
N ALA D 112 -6.02 7.42 -28.72
CA ALA D 112 -7.31 7.71 -29.33
C ALA D 112 -8.25 8.46 -28.40
N GLY D 113 -7.74 8.91 -27.24
CA GLY D 113 -8.52 9.78 -26.37
C GLY D 113 -9.17 11.01 -27.02
N ALA D 114 -8.39 11.75 -27.82
CA ALA D 114 -8.93 12.91 -28.56
C ALA D 114 -10.08 12.50 -29.45
N MSE D 115 -9.98 11.29 -30.02
CA MSE D 115 -11.08 10.75 -30.84
C MSE D 115 -12.35 10.47 -30.01
O MSE D 115 -13.45 10.86 -30.40
CB MSE D 115 -10.64 9.53 -31.62
CG MSE D 115 -11.69 9.05 -32.58
SE MSE D 115 -11.25 7.35 -33.38
CE MSE D 115 -11.35 6.18 -31.78
N MSE D 116 -12.19 9.83 -28.85
CA MSE D 116 -13.32 9.62 -27.94
C MSE D 116 -13.96 10.95 -27.54
O MSE D 116 -15.18 11.08 -27.52
CB MSE D 116 -12.91 8.85 -26.69
CG MSE D 116 -12.36 7.49 -26.96
SE MSE D 116 -13.70 6.24 -27.75
CE MSE D 116 -15.11 6.45 -26.48
N PHE D 117 -13.14 11.95 -27.22
CA PHE D 117 -13.64 13.28 -26.94
C PHE D 117 -14.40 13.83 -28.15
N ASP D 118 -13.82 13.61 -29.33
CA ASP D 118 -14.37 14.20 -30.57
C ASP D 118 -15.77 13.70 -30.89
N PHE D 119 -15.99 12.41 -30.62
CA PHE D 119 -17.26 11.74 -30.86
C PHE D 119 -18.40 12.43 -30.12
N THR D 120 -18.10 13.06 -28.98
CA THR D 120 -19.13 13.74 -28.19
C THR D 120 -19.34 15.22 -28.64
N GLY D 121 -18.49 15.71 -29.53
CA GLY D 121 -18.56 17.11 -30.00
C GLY D 121 -17.90 18.18 -29.13
N ILE D 122 -17.37 17.78 -27.97
CA ILE D 122 -16.84 18.75 -26.99
C ILE D 122 -15.55 19.44 -27.44
N THR D 123 -14.87 18.82 -28.41
CA THR D 123 -13.58 19.28 -28.93
C THR D 123 -13.75 20.34 -30.05
N LYS D 124 -14.98 20.75 -30.32
CA LYS D 124 -15.26 21.66 -31.44
C LYS D 124 -14.32 22.84 -31.37
N GLY D 125 -13.49 23.00 -32.40
CA GLY D 125 -12.63 24.17 -32.57
C GLY D 125 -11.33 24.16 -31.79
N LYS D 126 -11.06 23.05 -31.11
CA LYS D 126 -9.89 22.93 -30.24
C LYS D 126 -8.80 22.06 -30.86
N LYS D 127 -7.55 22.47 -30.74
CA LYS D 127 -6.44 21.67 -31.18
C LYS D 127 -6.28 20.42 -30.31
N VAL D 128 -6.18 19.28 -30.97
CA VAL D 128 -5.95 17.99 -30.28
C VAL D 128 -4.80 17.24 -30.95
N ALA D 129 -3.99 16.55 -30.15
CA ALA D 129 -3.07 15.56 -30.68
C ALA D 129 -3.71 14.17 -30.53
N VAL D 130 -3.50 13.34 -31.52
CA VAL D 130 -4.17 12.04 -31.59
C VAL D 130 -3.30 11.06 -32.36
N HIS D 131 -3.44 9.77 -32.07
CA HIS D 131 -2.71 8.76 -32.83
C HIS D 131 -2.91 9.01 -34.32
N PRO D 132 -1.81 9.02 -35.10
CA PRO D 132 -1.89 9.25 -36.56
C PRO D 132 -2.95 8.42 -37.31
N LEU D 133 -3.23 7.21 -36.83
CA LEU D 133 -4.30 6.34 -37.38
C LEU D 133 -5.72 6.86 -37.11
N ALA D 134 -5.91 7.46 -35.94
CA ALA D 134 -7.24 7.97 -35.57
C ALA D 134 -7.44 9.41 -36.04
N LYS D 135 -6.42 9.99 -36.67
CA LYS D 135 -6.49 11.37 -37.16
C LYS D 135 -7.66 11.61 -38.12
N PRO D 136 -7.89 10.71 -39.11
CA PRO D 136 -9.05 10.90 -40.02
C PRO D 136 -10.41 10.95 -39.33
N ALA D 137 -10.54 10.39 -38.12
CA ALA D 137 -11.84 10.40 -37.44
C ALA D 137 -12.15 11.68 -36.68
N ILE D 138 -11.18 12.59 -36.58
CA ILE D 138 -11.41 13.90 -35.94
C ILE D 138 -12.22 14.81 -36.86
N GLN D 139 -13.47 15.06 -36.46
CA GLN D 139 -14.40 15.81 -37.30
C GLN D 139 -14.76 17.15 -36.69
N ASN D 140 -14.60 17.27 -35.36
CA ASN D 140 -14.98 18.50 -34.68
C ASN D 140 -13.77 19.31 -34.21
N GLY D 141 -12.77 18.65 -33.64
CA GLY D 141 -11.55 19.32 -33.24
C GLY D 141 -10.58 19.59 -34.38
N ILE D 142 -9.50 20.29 -34.05
CA ILE D 142 -8.42 20.58 -34.98
C ILE D 142 -7.26 19.60 -34.72
N ALA D 143 -7.20 18.51 -35.46
CA ALA D 143 -6.17 17.49 -35.25
C ALA D 143 -4.83 17.94 -35.84
N THR D 144 -3.78 17.91 -35.05
CA THR D 144 -2.48 18.32 -35.51
C THR D 144 -1.56 17.11 -35.56
N ASP D 145 -0.33 17.31 -36.04
CA ASP D 145 0.67 16.25 -36.03
C ASP D 145 1.66 16.38 -34.87
N GLU D 146 1.38 17.24 -33.91
CA GLU D 146 2.26 17.42 -32.75
C GLU D 146 2.18 16.27 -31.76
N LYS D 147 3.23 16.14 -30.94
CA LYS D 147 3.34 15.10 -29.93
C LYS D 147 2.27 15.29 -28.86
N SER D 148 1.96 16.55 -28.54
CA SER D 148 0.80 16.87 -27.68
C SER D 148 0.24 18.24 -27.97
N GLU D 149 -1.00 18.48 -27.58
CA GLU D 149 -1.63 19.76 -27.77
C GLU D 149 -2.33 20.09 -26.47
N ILE D 150 -2.16 21.33 -26.02
CA ILE D 150 -2.93 21.88 -24.93
C ILE D 150 -3.74 23.08 -25.47
N ASP D 151 -5.06 23.04 -25.35
CA ASP D 151 -5.90 24.11 -25.89
C ASP D 151 -7.16 24.20 -25.02
N GLY D 152 -7.32 25.34 -24.36
CA GLY D 152 -8.40 25.50 -23.40
C GLY D 152 -8.33 24.39 -22.36
N ASN D 153 -9.36 23.55 -22.33
CA ASN D 153 -9.51 22.53 -21.30
C ASN D 153 -8.97 21.17 -21.71
N PHE D 154 -8.47 21.09 -22.96
CA PHE D 154 -7.98 19.86 -23.52
C PHE D 154 -6.48 19.74 -23.46
N PHE D 155 -6.03 18.59 -22.97
CA PHE D 155 -4.61 18.25 -22.83
C PHE D 155 -4.46 16.89 -23.49
N THR D 156 -3.96 16.84 -24.71
CA THR D 156 -3.92 15.52 -25.38
C THR D 156 -2.55 15.21 -25.95
N ALA D 157 -2.15 13.94 -25.90
CA ALA D 157 -0.87 13.49 -26.43
C ALA D 157 -1.13 12.47 -27.53
N GLN D 158 -0.23 12.42 -28.52
CA GLN D 158 -0.36 11.50 -29.64
C GLN D 158 -0.41 10.03 -29.22
N ASP D 159 0.43 9.64 -28.27
CA ASP D 159 0.32 8.32 -27.63
C ASP D 159 1.14 8.20 -26.36
N GLU D 160 1.26 6.99 -25.85
CA GLU D 160 1.94 6.74 -24.55
C GLU D 160 3.36 7.26 -24.57
N ASN D 161 4.04 7.16 -25.72
CA ASN D 161 5.42 7.61 -25.79
C ASN D 161 5.58 9.14 -25.90
N THR D 162 4.47 9.88 -25.93
CA THR D 162 4.54 11.34 -25.93
C THR D 162 3.78 12.03 -24.76
N ILE D 163 3.26 11.22 -23.83
CA ILE D 163 2.60 11.76 -22.66
C ILE D 163 3.57 12.70 -21.93
N TRP D 164 4.86 12.33 -21.89
CA TRP D 164 5.91 13.12 -21.21
C TRP D 164 5.97 14.58 -21.68
N THR D 165 5.56 14.83 -22.92
CA THR D 165 5.65 16.16 -23.51
C THR D 165 4.60 17.11 -22.96
N MSE D 166 3.54 16.55 -22.36
CA MSE D 166 2.49 17.39 -21.77
C MSE D 166 2.32 17.20 -20.27
O MSE D 166 1.68 18.02 -19.63
CB MSE D 166 1.16 17.15 -22.47
CG MSE D 166 0.67 15.69 -22.36
SE MSE D 166 -1.26 15.66 -22.69
CE MSE D 166 -1.64 13.83 -22.03
N LEU D 167 2.87 16.12 -19.72
CA LEU D 167 2.58 15.77 -18.32
C LEU D 167 3.00 16.83 -17.28
N PRO D 168 4.21 17.42 -17.41
CA PRO D 168 4.52 18.52 -16.48
C PRO D 168 3.41 19.59 -16.45
N LYS D 169 2.86 19.91 -17.62
CA LYS D 169 1.82 20.96 -17.69
C LYS D 169 0.48 20.48 -17.17
N VAL D 170 0.19 19.20 -17.34
CA VAL D 170 -1.01 18.60 -16.79
C VAL D 170 -0.98 18.69 -15.27
N ILE D 171 0.13 18.27 -14.69
CA ILE D 171 0.34 18.33 -13.23
C ILE D 171 0.21 19.74 -12.68
N GLU D 172 0.91 20.68 -13.32
CA GLU D 172 0.84 22.10 -12.90
C GLU D 172 -0.63 22.62 -12.92
N ALA D 173 -1.41 22.23 -13.92
CA ALA D 173 -2.81 22.68 -14.03
C ALA D 173 -3.70 22.07 -12.95
N LEU D 174 -3.24 20.97 -12.35
CA LEU D 174 -4.00 20.29 -11.29
C LEU D 174 -3.51 20.63 -9.87
N LYS D 175 -2.45 21.43 -9.78
CA LYS D 175 -1.76 21.76 -8.54
C LYS D 175 -2.00 23.24 -8.22
ZN ZN E . 12.86 2.92 -6.17
CA CA F . 2.57 3.56 -9.45
ZN ZN G . 8.62 3.65 11.18
CA CA H . 0.14 -2.78 10.06
N1 FMN I . 3.24 -4.84 25.16
C2 FMN I . 3.21 -4.79 23.76
O2 FMN I . 2.23 -4.33 23.16
N3 FMN I . 4.30 -5.25 23.05
C4 FMN I . 5.41 -5.76 23.70
O4 FMN I . 6.47 -5.90 23.08
C4A FMN I . 5.44 -5.82 25.09
N5 FMN I . 6.56 -6.34 25.71
C5A FMN I . 6.60 -6.40 27.08
C6 FMN I . 7.72 -6.92 27.70
C7 FMN I . 7.79 -6.99 29.09
C7M FMN I . 8.86 -7.88 29.69
C8 FMN I . 6.70 -6.54 29.85
C8M FMN I . 6.58 -6.91 31.30
C9 FMN I . 5.58 -6.02 29.23
C9A FMN I . 5.52 -5.94 27.84
N10 FMN I . 4.38 -5.42 27.22
C10 FMN I . 4.34 -5.36 25.83
C1' FMN I . 3.52 -4.49 28.04
C2' FMN I . 2.09 -4.99 28.29
O2' FMN I . 1.41 -5.10 27.07
C3' FMN I . 1.30 -4.03 29.17
O3' FMN I . 2.05 -2.85 29.40
C4' FMN I . 0.90 -4.64 30.50
O4' FMN I . -0.27 -4.00 30.98
ZN ZN J . -12.76 -8.80 24.12
CA CA K . -9.77 0.10 18.89
ZN ZN L . -4.89 3.65 -27.97
CA CA M . 0.18 -3.05 -21.03
N1 FMN N . 10.13 9.43 -22.86
C2 FMN N . 9.59 9.14 -21.63
O2 FMN N . 8.88 8.14 -21.50
N3 FMN N . 9.84 9.98 -20.55
C4 FMN N . 10.63 11.11 -20.71
O4 FMN N . 10.91 11.83 -19.75
C4A FMN N . 11.19 11.40 -21.97
N5 FMN N . 11.98 12.52 -22.14
C5A FMN N . 12.51 12.78 -23.39
C6 FMN N . 13.30 13.91 -23.58
C7 FMN N . 13.86 14.18 -24.82
C7M FMN N . 15.17 14.93 -24.81
C8 FMN N . 13.59 13.35 -25.91
C8M FMN N . 13.42 14.01 -27.26
C9 FMN N . 12.80 12.22 -25.71
C9A FMN N . 12.25 11.92 -24.47
N10 FMN N . 11.45 10.80 -24.30
C10 FMN N . 10.92 10.54 -23.05
C1' FMN N . 11.71 9.58 -25.14
C2' FMN N . 10.69 9.32 -26.25
O2' FMN N . 9.60 8.58 -25.74
C3' FMN N . 11.39 8.56 -27.38
O3' FMN N . 12.47 9.33 -27.87
C4' FMN N . 10.46 8.21 -28.54
O4' FMN N . 9.77 6.98 -28.29
#